data_5S9T
#
_entry.id   5S9T
#
_cell.length_a   80.350
_cell.length_b   108.900
_cell.length_c   112.070
_cell.angle_alpha   90.000
_cell.angle_beta   90.000
_cell.angle_gamma   90.000
#
_symmetry.space_group_name_H-M   'P 21 21 21'
#
loop_
_entity.id
_entity.type
_entity.pdbx_description
1 polymer 'N(1),N(8)-bis(glutathionyl)spermidine reductase'
2 non-polymer 'FLAVIN-ADENINE DINUCLEOTIDE'
3 non-polymer 'DIMETHYL SULFOXIDE'
4 non-polymer 'methyl (2~{S},4~{R})-1-(furan-2-ylcarbonyl)-4-oxidanyl-pyrrolidine-2-carboxylate'
5 non-polymer 'MAGNESIUM ION'
6 non-polymer 'BROMIDE ION'
7 water water
#
_entity_poly.entity_id   1
_entity_poly.type   'polypeptide(L)'
_entity_poly.pdbx_seq_one_letter_code
;GSHMSKAFDLVVIGAGSGGLEAGWNAATLYGKRVAVVDVQTSHGPPFYAALGGTCVNVGCVPKKLMVTGAQYMDHLRESA
GFGWEFDGSSVKANWKKLIAAKNEAVLDINKSYEGMFNDTEGLDFFLGWGSLESKNVVVVRETADPKSAVKERLQADHIL
LATGSWPQMPAIPGIEHCISSNEAFYLPEPPRRVLTVGGGFISVEFAGIFNAYKPPGGKVTLCYRNNLILRGFDETIREE
VTKQLTANGIEIMTNENPAKVSLNTDGSKHVTFESGKTLDVDVVMMAIGRIPRTNDLQLGNVGVKLTPKGGVQVDEFSRT
NVPNIYAIGDITDRLMLTPVAINEGAALVDTVFGNKPRKTDHTRVASAVFSIPPIGTCGLIEEVAAKEFEKVAVYMSSFT
PLMHNISGSKYKKFVAKIVTNHSDGTVLGVHLLGDGAPEIIQAVGVCLRLNAKISDFYNTIGVHPTSAEELCSMRTPSYY
YVKGEKMEKLPDSNL
;
_entity_poly.pdbx_strand_id   A,B
#
# COMPACT_ATOMS: atom_id res chain seq x y z
N LYS A 6 32.68 0.74 -34.66
CA LYS A 6 32.05 -0.61 -34.53
C LYS A 6 32.69 -1.37 -33.35
N ALA A 7 33.32 -0.65 -32.42
CA ALA A 7 34.06 -1.20 -31.28
C ALA A 7 33.42 -0.75 -29.97
N PHE A 8 33.11 -1.70 -29.10
CA PHE A 8 32.40 -1.46 -27.82
C PHE A 8 33.04 -2.26 -26.67
N ASP A 9 33.08 -1.65 -25.49
CA ASP A 9 33.33 -2.36 -24.21
C ASP A 9 32.23 -3.42 -24.01
N LEU A 10 30.97 -3.00 -24.10
CA LEU A 10 29.78 -3.88 -23.86
C LEU A 10 28.79 -3.80 -25.04
N VAL A 11 28.43 -4.96 -25.60
CA VAL A 11 27.30 -5.14 -26.55
C VAL A 11 26.21 -5.95 -25.86
N VAL A 12 25.01 -5.39 -25.83
CA VAL A 12 23.81 -5.98 -25.16
C VAL A 12 22.81 -6.35 -26.26
N ILE A 13 22.41 -7.61 -26.29
CA ILE A 13 21.36 -8.08 -27.22
C ILE A 13 20.05 -8.12 -26.41
N GLY A 14 19.19 -7.14 -26.66
CA GLY A 14 17.86 -6.99 -26.02
C GLY A 14 17.82 -5.71 -25.22
N ALA A 15 17.09 -4.72 -25.68
CA ALA A 15 16.96 -3.40 -25.05
C ALA A 15 15.79 -3.46 -24.07
N GLY A 16 15.85 -4.42 -23.13
CA GLY A 16 14.76 -4.71 -22.18
C GLY A 16 15.11 -4.36 -20.75
N SER A 17 14.36 -4.91 -19.80
CA SER A 17 14.50 -4.54 -18.39
C SER A 17 15.98 -4.67 -18.00
N GLY A 18 16.56 -5.87 -18.17
CA GLY A 18 17.95 -6.17 -17.78
C GLY A 18 18.94 -5.46 -18.70
N GLY A 19 18.74 -5.57 -20.02
CA GLY A 19 19.64 -4.98 -21.03
C GLY A 19 19.85 -3.50 -20.83
N LEU A 20 18.79 -2.72 -20.59
CA LEU A 20 18.95 -1.24 -20.49
C LEU A 20 19.60 -0.86 -19.15
N GLU A 21 19.26 -1.59 -18.08
CA GLU A 21 19.87 -1.30 -16.77
C GLU A 21 21.39 -1.47 -16.91
N ALA A 22 21.84 -2.60 -17.45
CA ALA A 22 23.27 -2.89 -17.66
C ALA A 22 23.89 -1.82 -18.59
N GLY A 23 23.20 -1.55 -19.69
CA GLY A 23 23.62 -0.58 -20.72
C GLY A 23 23.84 0.80 -20.16
N TRP A 24 22.80 1.40 -19.57
N TRP A 24 22.82 1.38 -19.51
CA TRP A 24 22.81 2.75 -18.97
CA TRP A 24 22.83 2.77 -18.98
C TRP A 24 23.89 2.84 -17.89
C TRP A 24 23.78 2.92 -17.80
N ASN A 25 23.89 1.87 -16.97
CA ASN A 25 24.82 1.88 -15.80
C ASN A 25 26.24 1.89 -16.33
N ALA A 26 26.54 0.98 -17.24
CA ALA A 26 27.90 0.82 -17.77
C ALA A 26 28.36 2.20 -18.32
N ALA A 27 27.48 2.87 -19.07
CA ALA A 27 27.77 4.19 -19.69
C ALA A 27 27.84 5.32 -18.66
N THR A 28 26.84 5.50 -17.79
CA THR A 28 26.72 6.71 -16.95
C THR A 28 27.61 6.59 -15.71
N LEU A 29 27.72 5.40 -15.13
CA LEU A 29 28.45 5.19 -13.85
C LEU A 29 29.95 5.02 -14.11
N TYR A 30 30.31 4.27 -15.14
CA TYR A 30 31.70 3.82 -15.44
C TYR A 30 32.21 4.37 -16.79
N GLY A 31 31.48 5.29 -17.44
CA GLY A 31 31.91 5.95 -18.69
C GLY A 31 32.35 4.92 -19.73
N LYS A 32 31.68 3.79 -19.82
CA LYS A 32 32.01 2.69 -20.78
C LYS A 32 31.29 2.92 -22.14
N ARG A 33 31.72 2.19 -23.16
CA ARG A 33 31.26 2.36 -24.56
C ARG A 33 30.27 1.23 -24.84
N VAL A 34 28.99 1.53 -25.02
CA VAL A 34 27.92 0.48 -24.99
C VAL A 34 27.09 0.52 -26.29
N ALA A 35 26.89 -0.66 -26.87
CA ALA A 35 25.93 -0.97 -27.95
C ALA A 35 24.73 -1.75 -27.41
N VAL A 36 23.51 -1.31 -27.70
CA VAL A 36 22.30 -2.14 -27.41
C VAL A 36 21.48 -2.38 -28.68
N VAL A 37 21.18 -3.66 -28.92
CA VAL A 37 20.44 -4.19 -30.11
C VAL A 37 19.01 -4.55 -29.70
N ASP A 38 18.01 -4.16 -30.49
CA ASP A 38 16.64 -4.70 -30.38
C ASP A 38 16.01 -4.65 -31.76
N VAL A 39 14.94 -5.42 -31.93
CA VAL A 39 14.30 -5.71 -33.24
C VAL A 39 13.30 -4.60 -33.61
N GLN A 40 12.89 -3.77 -32.65
CA GLN A 40 11.81 -2.79 -32.88
C GLN A 40 12.01 -1.58 -31.97
N THR A 41 11.60 -0.37 -32.40
CA THR A 41 11.83 0.87 -31.58
C THR A 41 10.58 1.24 -30.78
N SER A 42 9.41 0.71 -31.09
CA SER A 42 8.17 1.00 -30.33
C SER A 42 7.27 -0.22 -30.37
N HIS A 43 6.27 -0.21 -29.51
CA HIS A 43 5.44 -1.37 -29.15
C HIS A 43 4.62 -1.88 -30.33
N GLY A 44 4.32 -3.17 -30.25
CA GLY A 44 3.20 -3.80 -30.94
C GLY A 44 3.65 -4.60 -32.14
N PRO A 45 2.69 -5.04 -32.98
CA PRO A 45 3.02 -5.97 -34.03
C PRO A 45 4.00 -5.30 -34.98
N PRO A 46 4.90 -6.02 -35.67
CA PRO A 46 4.94 -7.49 -35.62
C PRO A 46 5.66 -8.20 -34.47
N PHE A 47 6.64 -7.57 -33.80
CA PHE A 47 7.53 -8.29 -32.83
C PHE A 47 7.14 -8.00 -31.36
N TYR A 48 6.19 -7.07 -31.10
CA TYR A 48 5.45 -6.85 -29.82
C TYR A 48 6.36 -6.19 -28.79
N ALA A 49 7.36 -6.91 -28.30
CA ALA A 49 8.48 -6.33 -27.52
C ALA A 49 9.35 -5.50 -28.45
N ALA A 50 9.94 -4.47 -27.89
CA ALA A 50 10.64 -3.41 -28.60
C ALA A 50 11.56 -2.76 -27.59
N LEU A 51 12.28 -1.76 -28.03
CA LEU A 51 12.96 -0.80 -27.13
C LEU A 51 12.17 -0.62 -25.83
N GLY A 52 12.76 -0.97 -24.68
CA GLY A 52 12.15 -0.90 -23.35
C GLY A 52 11.92 -2.28 -22.80
N GLY A 53 11.69 -3.26 -23.69
CA GLY A 53 11.52 -4.69 -23.39
C GLY A 53 10.08 -5.14 -23.26
N THR A 54 9.90 -6.36 -22.79
CA THR A 54 8.59 -7.04 -22.69
C THR A 54 7.76 -6.25 -21.69
N CYS A 55 8.37 -5.88 -20.56
CA CYS A 55 7.61 -5.26 -19.47
C CYS A 55 6.95 -3.96 -19.96
N VAL A 56 7.76 -3.12 -20.58
CA VAL A 56 7.32 -1.79 -21.07
C VAL A 56 6.24 -1.97 -22.13
N ASN A 57 6.50 -2.83 -23.11
CA ASN A 57 5.72 -2.90 -24.38
C ASN A 57 4.48 -3.79 -24.23
N VAL A 58 4.63 -5.01 -23.74
CA VAL A 58 3.55 -6.04 -23.71
C VAL A 58 3.62 -6.82 -22.39
N GLY A 59 3.85 -6.11 -21.27
CA GLY A 59 4.05 -6.78 -19.97
C GLY A 59 3.55 -5.91 -18.82
N CYS A 60 4.38 -5.75 -17.79
CA CYS A 60 3.99 -5.18 -16.49
C CYS A 60 3.24 -3.86 -16.71
N VAL A 61 3.77 -2.99 -17.56
CA VAL A 61 3.34 -1.57 -17.68
C VAL A 61 1.93 -1.52 -18.28
N PRO A 62 1.70 -1.97 -19.52
CA PRO A 62 0.33 -1.95 -20.04
C PRO A 62 -0.61 -2.81 -19.21
N LYS A 63 -0.19 -3.99 -18.73
CA LYS A 63 -1.06 -4.89 -17.93
C LYS A 63 -1.56 -4.12 -16.68
N LYS A 64 -0.68 -3.42 -16.01
CA LYS A 64 -1.04 -2.69 -14.77
C LYS A 64 -2.05 -1.59 -15.12
N LEU A 65 -1.82 -0.83 -16.22
CA LEU A 65 -2.83 0.17 -16.67
C LEU A 65 -4.18 -0.49 -16.93
N MET A 66 -4.19 -1.68 -17.51
CA MET A 66 -5.45 -2.35 -17.87
C MET A 66 -6.14 -2.96 -16.65
N VAL A 67 -5.39 -3.53 -15.73
CA VAL A 67 -5.94 -3.97 -14.43
C VAL A 67 -6.52 -2.75 -13.71
N THR A 68 -5.80 -1.65 -13.63
CA THR A 68 -6.33 -0.39 -13.04
C THR A 68 -7.68 -0.05 -13.70
N GLY A 69 -7.76 -0.07 -15.04
CA GLY A 69 -9.02 0.13 -15.76
C GLY A 69 -10.08 -0.83 -15.29
N ALA A 70 -9.71 -2.09 -15.17
CA ALA A 70 -10.63 -3.18 -14.79
C ALA A 70 -11.17 -2.94 -13.38
N GLN A 71 -10.37 -2.36 -12.50
CA GLN A 71 -10.73 -2.17 -11.09
C GLN A 71 -11.96 -1.25 -11.02
N TYR A 72 -12.16 -0.36 -11.99
CA TYR A 72 -13.31 0.60 -11.92
C TYR A 72 -14.64 -0.14 -11.99
N MET A 73 -14.70 -1.37 -12.53
CA MET A 73 -15.95 -2.13 -12.46
C MET A 73 -16.33 -2.32 -10.98
N ASP A 74 -15.35 -2.65 -10.17
CA ASP A 74 -15.57 -2.86 -8.71
C ASP A 74 -15.79 -1.50 -8.03
N HIS A 75 -15.00 -0.47 -8.33
CA HIS A 75 -15.19 0.83 -7.63
C HIS A 75 -16.60 1.38 -7.94
N LEU A 76 -17.02 1.36 -9.20
CA LEU A 76 -18.34 1.92 -9.57
C LEU A 76 -19.41 1.24 -8.74
N ARG A 77 -19.35 -0.10 -8.58
CA ARG A 77 -20.37 -0.85 -7.81
C ARG A 77 -20.25 -0.52 -6.31
N GLU A 78 -19.03 -0.58 -5.81
CA GLU A 78 -18.68 -0.44 -4.38
C GLU A 78 -19.05 0.96 -3.89
N SER A 79 -19.02 1.95 -4.76
CA SER A 79 -19.29 3.36 -4.38
C SER A 79 -20.69 3.48 -3.76
N ALA A 80 -21.63 2.62 -4.19
CA ALA A 80 -23.05 2.70 -3.76
C ALA A 80 -23.12 2.58 -2.23
N GLY A 81 -22.34 1.67 -1.62
CA GLY A 81 -22.32 1.46 -0.16
C GLY A 81 -21.95 2.72 0.58
N PHE A 82 -21.24 3.63 -0.06
CA PHE A 82 -20.73 4.89 0.57
C PHE A 82 -21.62 6.06 0.16
N GLY A 83 -22.75 5.76 -0.50
CA GLY A 83 -23.77 6.76 -0.86
C GLY A 83 -23.65 7.33 -2.26
N TRP A 84 -22.78 6.82 -3.13
CA TRP A 84 -22.72 7.32 -4.53
C TRP A 84 -23.90 6.73 -5.29
N GLU A 85 -24.55 7.62 -6.01
CA GLU A 85 -25.77 7.30 -6.77
C GLU A 85 -25.53 7.73 -8.20
N PHE A 86 -25.90 6.88 -9.14
CA PHE A 86 -25.86 7.26 -10.57
C PHE A 86 -26.69 6.24 -11.33
N ASP A 87 -26.91 6.52 -12.60
CA ASP A 87 -27.68 5.60 -13.46
C ASP A 87 -26.77 4.41 -13.84
N GLY A 88 -26.95 3.26 -13.17
CA GLY A 88 -26.16 2.04 -13.39
C GLY A 88 -26.42 1.47 -14.78
N SER A 89 -27.61 1.72 -15.34
CA SER A 89 -27.93 1.28 -16.72
C SER A 89 -27.12 2.05 -17.77
N SER A 90 -26.56 3.23 -17.47
CA SER A 90 -25.75 4.02 -18.43
C SER A 90 -24.28 3.57 -18.44
N VAL A 91 -23.86 2.66 -17.56
CA VAL A 91 -22.43 2.33 -17.41
C VAL A 91 -22.00 1.50 -18.61
N LYS A 92 -20.94 1.91 -19.31
CA LYS A 92 -20.29 1.11 -20.39
C LYS A 92 -18.79 1.15 -20.15
N ALA A 93 -18.11 0.04 -20.47
CA ALA A 93 -16.65 -0.09 -20.42
C ALA A 93 -16.15 -0.02 -21.87
N ASN A 94 -15.55 1.11 -22.21
CA ASN A 94 -15.05 1.37 -23.58
C ASN A 94 -13.60 0.87 -23.67
N TRP A 95 -13.49 -0.39 -24.08
CA TRP A 95 -12.20 -1.09 -24.30
C TRP A 95 -11.34 -0.31 -25.29
N LYS A 96 -11.95 0.15 -26.36
CA LYS A 96 -11.18 0.85 -27.43
C LYS A 96 -10.47 2.08 -26.85
N LYS A 97 -11.18 2.85 -26.02
N LYS A 97 -11.15 2.84 -25.99
CA LYS A 97 -10.58 3.99 -25.28
CA LYS A 97 -10.51 4.00 -25.32
C LYS A 97 -9.35 3.44 -24.52
C LYS A 97 -9.33 3.48 -24.48
N LEU A 98 -9.59 2.40 -23.67
CA LEU A 98 -8.53 1.84 -22.78
C LEU A 98 -7.28 1.52 -23.61
N ILE A 99 -7.47 0.80 -24.73
CA ILE A 99 -6.31 0.36 -25.56
C ILE A 99 -5.61 1.58 -26.16
N ALA A 100 -6.36 2.60 -26.60
CA ALA A 100 -5.76 3.82 -27.19
C ALA A 100 -4.95 4.55 -26.12
N ALA A 101 -5.45 4.61 -24.90
CA ALA A 101 -4.76 5.32 -23.79
C ALA A 101 -3.52 4.53 -23.41
N LYS A 102 -3.63 3.21 -23.28
CA LYS A 102 -2.46 2.33 -23.05
C LYS A 102 -1.39 2.50 -24.16
N ASN A 103 -1.79 2.52 -25.44
CA ASN A 103 -0.84 2.62 -26.58
C ASN A 103 -0.05 3.93 -26.46
N GLU A 104 -0.75 5.05 -26.19
CA GLU A 104 -0.10 6.37 -26.07
C GLU A 104 0.90 6.34 -24.90
N ALA A 105 0.52 5.72 -23.79
CA ALA A 105 1.39 5.67 -22.59
C ALA A 105 2.64 4.86 -22.88
N VAL A 106 2.50 3.71 -23.56
CA VAL A 106 3.64 2.85 -23.92
C VAL A 106 4.50 3.59 -24.96
N LEU A 107 3.90 4.18 -25.99
CA LEU A 107 4.69 4.94 -27.01
C LEU A 107 5.56 6.02 -26.33
N ASP A 108 5.00 6.77 -25.40
CA ASP A 108 5.73 7.85 -24.67
C ASP A 108 6.96 7.24 -23.97
N ILE A 109 6.85 6.03 -23.43
CA ILE A 109 8.01 5.35 -22.77
C ILE A 109 8.99 4.97 -23.85
N ASN A 110 8.51 4.41 -24.95
CA ASN A 110 9.41 4.04 -26.07
C ASN A 110 10.23 5.28 -26.45
N LYS A 111 9.55 6.41 -26.57
CA LYS A 111 10.20 7.69 -26.99
C LYS A 111 11.21 8.09 -25.92
N SER A 112 10.84 7.88 -24.65
CA SER A 112 11.67 8.18 -23.44
C SER A 112 13.02 7.48 -23.57
N TYR A 113 13.04 6.19 -23.90
CA TYR A 113 14.25 5.36 -24.07
C TYR A 113 15.05 5.78 -25.29
N GLU A 114 14.34 6.17 -26.35
CA GLU A 114 15.02 6.77 -27.53
C GLU A 114 15.79 7.99 -27.05
N GLY A 115 15.13 8.86 -26.28
CA GLY A 115 15.71 10.08 -25.70
C GLY A 115 16.97 9.74 -24.92
N MET A 116 16.84 8.81 -23.96
CA MET A 116 17.95 8.29 -23.12
C MET A 116 19.15 7.92 -24.01
N PHE A 117 18.96 7.18 -25.12
CA PHE A 117 20.06 6.66 -25.98
C PHE A 117 20.71 7.78 -26.81
N ASN A 118 19.92 8.78 -27.20
CA ASN A 118 20.40 9.95 -27.98
C ASN A 118 21.27 10.79 -27.04
N ASP A 119 20.75 11.04 -25.84
CA ASP A 119 21.27 12.02 -24.84
C ASP A 119 22.34 11.40 -23.95
N THR A 120 22.98 10.30 -24.35
CA THR A 120 23.95 9.57 -23.49
C THR A 120 25.20 9.20 -24.30
N GLU A 121 26.33 9.80 -23.94
CA GLU A 121 27.63 9.50 -24.60
C GLU A 121 27.99 8.02 -24.34
N GLY A 122 28.30 7.28 -25.40
CA GLY A 122 28.80 5.90 -25.37
C GLY A 122 27.67 4.92 -25.59
N LEU A 123 26.47 5.28 -25.11
CA LEU A 123 25.23 4.46 -25.21
C LEU A 123 24.63 4.62 -26.61
N ASP A 124 24.76 3.61 -27.46
CA ASP A 124 24.24 3.63 -28.85
C ASP A 124 23.29 2.44 -29.08
N PHE A 125 22.10 2.72 -29.65
CA PHE A 125 21.08 1.71 -30.07
C PHE A 125 21.28 1.32 -31.53
N PHE A 126 21.21 0.02 -31.82
CA PHE A 126 21.23 -0.60 -33.17
C PHE A 126 19.94 -1.41 -33.37
N LEU A 127 19.26 -1.20 -34.51
CA LEU A 127 17.97 -1.85 -34.84
C LEU A 127 18.24 -3.12 -35.65
N GLY A 128 17.62 -4.21 -35.24
CA GLY A 128 17.71 -5.48 -35.94
C GLY A 128 17.93 -6.60 -34.96
N TRP A 129 18.34 -7.75 -35.48
CA TRP A 129 18.39 -9.06 -34.81
C TRP A 129 19.86 -9.39 -34.49
N GLY A 130 20.24 -9.24 -33.23
CA GLY A 130 21.56 -9.67 -32.72
C GLY A 130 21.69 -11.18 -32.67
N SER A 131 22.82 -11.70 -33.15
CA SER A 131 23.28 -13.10 -32.91
C SER A 131 24.80 -13.07 -32.67
N LEU A 132 25.33 -14.19 -32.17
CA LEU A 132 26.79 -14.35 -31.90
C LEU A 132 27.47 -14.88 -33.17
N GLU A 133 28.31 -14.05 -33.78
CA GLU A 133 29.26 -14.49 -34.84
C GLU A 133 30.38 -15.32 -34.21
N SER A 134 31.04 -14.72 -33.22
CA SER A 134 32.24 -15.24 -32.49
C SER A 134 32.22 -14.72 -31.05
N LYS A 135 33.13 -15.22 -30.20
CA LYS A 135 33.28 -14.86 -28.77
C LYS A 135 33.17 -13.35 -28.56
N ASN A 136 33.64 -12.54 -29.51
CA ASN A 136 33.81 -11.07 -29.31
C ASN A 136 33.14 -10.28 -30.43
N VAL A 137 32.31 -10.93 -31.25
CA VAL A 137 31.55 -10.21 -32.32
C VAL A 137 30.06 -10.60 -32.32
N VAL A 138 29.22 -9.59 -32.22
CA VAL A 138 27.75 -9.69 -32.41
C VAL A 138 27.41 -9.18 -33.82
N VAL A 139 26.67 -9.95 -34.58
CA VAL A 139 26.16 -9.52 -35.92
C VAL A 139 24.71 -9.08 -35.77
N VAL A 140 24.36 -7.90 -36.30
CA VAL A 140 22.95 -7.42 -36.37
C VAL A 140 22.48 -7.65 -37.82
N ARG A 141 21.49 -8.52 -38.00
CA ARG A 141 20.91 -8.83 -39.33
C ARG A 141 19.53 -8.19 -39.46
N GLU A 142 18.99 -8.18 -40.68
CA GLU A 142 17.69 -7.55 -41.05
C GLU A 142 16.54 -8.31 -40.39
N THR A 143 16.63 -9.64 -40.32
CA THR A 143 15.56 -10.50 -39.75
C THR A 143 16.18 -11.55 -38.83
N ALA A 144 15.29 -12.37 -38.24
CA ALA A 144 15.62 -13.48 -37.33
C ALA A 144 16.18 -14.66 -38.12
N ASP A 145 16.04 -14.63 -39.44
CA ASP A 145 16.71 -15.63 -40.32
C ASP A 145 18.22 -15.32 -40.28
N PRO A 146 19.07 -16.29 -39.87
CA PRO A 146 20.52 -16.09 -39.85
C PRO A 146 21.14 -15.83 -41.24
N LYS A 147 20.39 -16.14 -42.30
CA LYS A 147 20.79 -15.91 -43.72
C LYS A 147 20.52 -14.46 -44.13
N SER A 148 19.74 -13.68 -43.39
CA SER A 148 19.34 -12.32 -43.81
C SER A 148 20.57 -11.40 -43.79
N ALA A 149 20.44 -10.20 -44.35
CA ALA A 149 21.54 -9.23 -44.58
C ALA A 149 22.12 -8.76 -43.24
N VAL A 150 23.44 -8.63 -43.17
CA VAL A 150 24.15 -7.96 -42.03
C VAL A 150 23.88 -6.44 -42.14
N LYS A 151 23.42 -5.83 -41.05
CA LYS A 151 23.32 -4.35 -40.96
C LYS A 151 24.54 -3.82 -40.21
N GLU A 152 25.14 -4.66 -39.35
CA GLU A 152 26.27 -4.27 -38.47
C GLU A 152 27.03 -5.51 -37.98
N ARG A 153 28.31 -5.28 -37.70
CA ARG A 153 29.27 -6.23 -37.09
C ARG A 153 29.89 -5.47 -35.92
N LEU A 154 29.51 -5.84 -34.69
CA LEU A 154 29.83 -5.10 -33.45
C LEU A 154 30.94 -5.87 -32.71
N GLN A 155 32.06 -5.19 -32.48
CA GLN A 155 33.22 -5.72 -31.70
C GLN A 155 32.93 -5.42 -30.23
N ALA A 156 33.01 -6.47 -29.40
CA ALA A 156 32.58 -6.47 -27.99
C ALA A 156 33.65 -7.12 -27.11
N ASP A 157 34.23 -6.34 -26.20
CA ASP A 157 35.07 -6.85 -25.09
C ASP A 157 34.20 -7.67 -24.13
N HIS A 158 32.91 -7.30 -24.00
CA HIS A 158 31.90 -8.03 -23.17
C HIS A 158 30.56 -8.07 -23.91
N ILE A 159 29.92 -9.25 -23.94
CA ILE A 159 28.59 -9.52 -24.57
C ILE A 159 27.58 -9.84 -23.46
N LEU A 160 26.41 -9.19 -23.48
CA LEU A 160 25.29 -9.52 -22.58
C LEU A 160 24.11 -10.03 -23.41
N LEU A 161 23.69 -11.27 -23.16
CA LEU A 161 22.43 -11.87 -23.65
C LEU A 161 21.29 -11.46 -22.70
N ALA A 162 20.33 -10.67 -23.21
CA ALA A 162 19.19 -10.14 -22.42
C ALA A 162 17.95 -10.12 -23.32
N THR A 163 17.63 -11.24 -23.95
CA THR A 163 16.63 -11.35 -25.04
C THR A 163 15.25 -11.70 -24.48
N GLY A 164 15.19 -11.97 -23.17
CA GLY A 164 13.93 -12.26 -22.48
C GLY A 164 13.28 -13.55 -22.94
N SER A 165 11.94 -13.61 -22.92
CA SER A 165 11.13 -14.82 -23.13
C SER A 165 10.03 -14.54 -24.16
N TRP A 166 9.23 -15.55 -24.42
CA TRP A 166 8.19 -15.49 -25.46
C TRP A 166 7.11 -16.47 -25.05
N PRO A 167 5.82 -16.25 -25.43
CA PRO A 167 4.77 -17.12 -24.98
C PRO A 167 4.92 -18.50 -25.62
N GLN A 168 4.60 -19.53 -24.84
CA GLN A 168 4.57 -20.91 -25.33
C GLN A 168 3.15 -21.18 -25.82
N MET A 169 3.00 -21.72 -27.03
CA MET A 169 1.64 -22.03 -27.57
C MET A 169 1.55 -23.54 -27.74
N PRO A 170 0.64 -24.22 -27.02
CA PRO A 170 0.62 -25.68 -27.07
C PRO A 170 0.28 -26.12 -28.51
N ALA A 171 0.95 -27.19 -28.97
CA ALA A 171 0.86 -27.67 -30.37
C ALA A 171 -0.39 -28.54 -30.52
N ILE A 172 -1.56 -27.92 -30.34
CA ILE A 172 -2.88 -28.56 -30.51
C ILE A 172 -3.48 -28.13 -31.85
N PRO A 173 -4.35 -28.97 -32.41
CA PRO A 173 -5.09 -28.61 -33.62
C PRO A 173 -5.91 -27.34 -33.38
N GLY A 174 -5.72 -26.34 -34.24
CA GLY A 174 -6.43 -25.04 -34.15
C GLY A 174 -5.74 -24.03 -33.23
N ILE A 175 -4.49 -24.27 -32.87
CA ILE A 175 -3.70 -23.27 -32.05
C ILE A 175 -3.66 -21.95 -32.82
N GLU A 176 -3.73 -21.98 -34.17
CA GLU A 176 -3.68 -20.75 -34.98
C GLU A 176 -4.94 -19.89 -34.74
N HIS A 177 -5.99 -20.41 -34.12
CA HIS A 177 -7.22 -19.64 -33.80
C HIS A 177 -7.06 -18.95 -32.44
N CYS A 178 -5.94 -19.20 -31.76
CA CYS A 178 -5.71 -18.78 -30.36
C CYS A 178 -4.76 -17.59 -30.37
N ILE A 179 -4.77 -16.83 -29.29
CA ILE A 179 -3.78 -15.73 -29.14
C ILE A 179 -2.97 -15.95 -27.88
N SER A 180 -1.97 -15.11 -27.74
CA SER A 180 -1.18 -14.99 -26.49
C SER A 180 -1.47 -13.62 -25.87
N SER A 181 -0.84 -13.33 -24.74
CA SER A 181 -0.91 -12.00 -24.14
C SER A 181 -0.48 -10.94 -25.17
N ASN A 182 0.48 -11.24 -26.07
CA ASN A 182 0.98 -10.24 -27.05
C ASN A 182 -0.23 -9.66 -27.79
N GLU A 183 -1.09 -10.53 -28.32
CA GLU A 183 -2.24 -10.09 -29.13
C GLU A 183 -3.34 -9.54 -28.25
N ALA A 184 -3.46 -10.00 -27.00
CA ALA A 184 -4.51 -9.51 -26.06
C ALA A 184 -4.43 -8.00 -25.95
N PHE A 185 -3.22 -7.47 -25.97
CA PHE A 185 -2.97 -6.02 -25.79
C PHE A 185 -3.49 -5.20 -26.96
N TYR A 186 -3.85 -5.83 -28.08
CA TYR A 186 -4.22 -5.09 -29.30
C TYR A 186 -5.60 -5.52 -29.81
N LEU A 187 -6.36 -6.29 -29.07
CA LEU A 187 -7.68 -6.73 -29.56
C LEU A 187 -8.48 -5.47 -29.89
N PRO A 188 -9.07 -5.38 -31.10
CA PRO A 188 -9.84 -4.20 -31.47
C PRO A 188 -11.14 -4.03 -30.69
N GLU A 189 -11.68 -5.12 -30.15
CA GLU A 189 -12.96 -5.17 -29.41
C GLU A 189 -12.78 -6.06 -28.19
N PRO A 190 -13.49 -5.78 -27.07
CA PRO A 190 -13.39 -6.60 -25.88
C PRO A 190 -14.21 -7.84 -26.16
N PRO A 191 -13.67 -9.04 -25.93
CA PRO A 191 -14.41 -10.26 -26.20
C PRO A 191 -15.60 -10.43 -25.25
N ARG A 192 -16.71 -10.87 -25.82
CA ARG A 192 -17.93 -11.16 -25.04
C ARG A 192 -17.66 -12.40 -24.22
N ARG A 193 -17.10 -13.44 -24.85
CA ARG A 193 -16.76 -14.73 -24.19
C ARG A 193 -15.28 -14.98 -24.41
N VAL A 194 -14.54 -15.23 -23.35
CA VAL A 194 -13.10 -15.50 -23.49
C VAL A 194 -12.72 -16.66 -22.57
N LEU A 195 -11.83 -17.49 -23.10
CA LEU A 195 -11.18 -18.57 -22.36
C LEU A 195 -9.73 -18.16 -22.16
N THR A 196 -9.34 -17.85 -20.93
CA THR A 196 -7.90 -17.73 -20.61
C THR A 196 -7.43 -19.11 -20.16
N VAL A 197 -6.36 -19.56 -20.80
CA VAL A 197 -5.77 -20.89 -20.58
C VAL A 197 -4.50 -20.77 -19.77
N GLY A 198 -4.51 -21.33 -18.58
CA GLY A 198 -3.36 -21.24 -17.69
C GLY A 198 -3.75 -20.82 -16.30
N GLY A 199 -2.90 -21.17 -15.35
CA GLY A 199 -3.15 -20.97 -13.92
C GLY A 199 -2.17 -20.01 -13.31
N GLY A 200 -1.33 -19.38 -14.11
CA GLY A 200 -0.31 -18.43 -13.61
C GLY A 200 -0.82 -17.01 -13.57
N PHE A 201 0.04 -16.09 -13.20
CA PHE A 201 -0.33 -14.68 -12.99
C PHE A 201 -0.92 -14.11 -14.29
N ILE A 202 -0.41 -14.46 -15.47
CA ILE A 202 -0.85 -13.77 -16.74
C ILE A 202 -2.30 -14.14 -17.05
N SER A 203 -2.64 -15.43 -16.91
CA SER A 203 -4.02 -15.89 -17.17
C SER A 203 -4.95 -15.21 -16.16
N VAL A 204 -4.56 -15.22 -14.87
CA VAL A 204 -5.39 -14.66 -13.77
C VAL A 204 -5.64 -13.18 -14.01
N GLU A 205 -4.60 -12.43 -14.36
CA GLU A 205 -4.66 -10.97 -14.48
C GLU A 205 -5.53 -10.62 -15.68
N PHE A 206 -5.35 -11.34 -16.78
CA PHE A 206 -6.15 -11.11 -18.00
C PHE A 206 -7.59 -11.54 -17.77
N ALA A 207 -7.86 -12.59 -16.99
CA ALA A 207 -9.26 -12.95 -16.74
C ALA A 207 -9.96 -11.74 -16.08
N GLY A 208 -9.28 -11.10 -15.12
CA GLY A 208 -9.83 -9.94 -14.43
C GLY A 208 -10.07 -8.80 -15.41
N ILE A 209 -9.10 -8.53 -16.27
CA ILE A 209 -9.20 -7.45 -17.28
C ILE A 209 -10.41 -7.73 -18.16
N PHE A 210 -10.52 -8.91 -18.76
CA PHE A 210 -11.60 -9.21 -19.71
C PHE A 210 -12.94 -9.21 -18.99
N ASN A 211 -12.92 -9.56 -17.71
CA ASN A 211 -14.15 -9.64 -16.92
C ASN A 211 -14.77 -8.24 -16.78
N ALA A 212 -13.93 -7.22 -16.63
CA ALA A 212 -14.39 -5.85 -16.41
C ALA A 212 -14.89 -5.23 -17.72
N TYR A 213 -14.27 -5.57 -18.86
CA TYR A 213 -14.51 -4.87 -20.15
C TYR A 213 -15.47 -5.65 -21.05
N LYS A 214 -15.93 -6.82 -20.62
CA LYS A 214 -16.81 -7.65 -21.48
C LYS A 214 -18.10 -6.88 -21.76
N PRO A 215 -18.60 -6.97 -23.00
CA PRO A 215 -19.91 -6.46 -23.35
C PRO A 215 -21.02 -7.24 -22.65
N PRO A 216 -22.27 -6.72 -22.69
CA PRO A 216 -23.39 -7.36 -22.00
C PRO A 216 -23.56 -8.84 -22.40
N GLY A 217 -23.93 -9.66 -21.42
CA GLY A 217 -24.09 -11.12 -21.60
C GLY A 217 -22.75 -11.79 -21.82
N GLY A 218 -21.67 -11.19 -21.32
CA GLY A 218 -20.31 -11.75 -21.47
C GLY A 218 -20.03 -12.77 -20.41
N LYS A 219 -18.97 -13.55 -20.62
CA LYS A 219 -18.53 -14.59 -19.69
C LYS A 219 -17.04 -14.82 -19.89
N VAL A 220 -16.30 -14.67 -18.80
CA VAL A 220 -14.87 -15.04 -18.77
C VAL A 220 -14.76 -16.41 -18.13
N THR A 221 -14.08 -17.31 -18.80
CA THR A 221 -13.72 -18.64 -18.27
C THR A 221 -12.20 -18.74 -18.22
N LEU A 222 -11.68 -19.14 -17.08
CA LEU A 222 -10.24 -19.45 -16.94
C LEU A 222 -10.17 -20.96 -16.77
N CYS A 223 -9.36 -21.63 -17.58
CA CYS A 223 -9.14 -23.10 -17.38
C CYS A 223 -7.71 -23.33 -16.93
N TYR A 224 -7.50 -24.34 -16.12
CA TYR A 224 -6.16 -24.73 -15.66
C TYR A 224 -6.10 -26.25 -15.59
N ARG A 225 -4.97 -26.81 -16.03
CA ARG A 225 -4.88 -28.27 -16.27
C ARG A 225 -4.82 -29.01 -14.92
N ASN A 226 -4.43 -28.38 -13.82
CA ASN A 226 -4.34 -29.07 -12.52
C ASN A 226 -5.44 -28.55 -11.61
N ASN A 227 -5.35 -28.86 -10.31
CA ASN A 227 -6.52 -28.79 -9.41
C ASN A 227 -6.74 -27.37 -8.91
N LEU A 228 -5.69 -26.55 -8.79
CA LEU A 228 -5.73 -25.26 -8.05
C LEU A 228 -4.76 -24.27 -8.71
N ILE A 229 -5.25 -23.09 -9.10
CA ILE A 229 -4.47 -22.09 -9.88
C ILE A 229 -3.31 -21.59 -9.00
N LEU A 230 -2.37 -20.85 -9.63
CA LEU A 230 -1.30 -20.10 -8.91
C LEU A 230 -0.43 -21.03 -8.05
N ARG A 231 -0.03 -22.15 -8.63
CA ARG A 231 1.09 -22.96 -8.08
C ARG A 231 2.25 -22.02 -7.73
N GLY A 232 2.82 -22.24 -6.55
CA GLY A 232 4.02 -21.54 -6.06
C GLY A 232 3.65 -20.40 -5.12
N PHE A 233 2.39 -20.00 -5.11
CA PHE A 233 1.84 -19.03 -4.13
C PHE A 233 1.29 -19.77 -2.91
N ASP A 234 1.07 -18.99 -1.86
CA ASP A 234 0.54 -19.52 -0.57
C ASP A 234 -0.78 -20.25 -0.85
N GLU A 235 -0.98 -21.41 -0.23
CA GLU A 235 -2.18 -22.23 -0.57
C GLU A 235 -3.47 -21.52 -0.14
N THR A 236 -3.50 -20.86 1.02
CA THR A 236 -4.71 -20.17 1.51
C THR A 236 -5.08 -19.10 0.47
N ILE A 237 -4.08 -18.41 -0.04
CA ILE A 237 -4.31 -17.34 -1.05
C ILE A 237 -4.77 -17.96 -2.36
N ARG A 238 -4.23 -19.10 -2.76
CA ARG A 238 -4.66 -19.71 -4.03
C ARG A 238 -6.14 -20.00 -3.96
N GLU A 239 -6.57 -20.56 -2.84
CA GLU A 239 -7.99 -20.95 -2.63
C GLU A 239 -8.82 -19.66 -2.61
N GLU A 240 -8.34 -18.62 -1.93
CA GLU A 240 -9.12 -17.38 -1.77
C GLU A 240 -9.27 -16.62 -3.09
N VAL A 241 -8.16 -16.46 -3.84
N VAL A 241 -8.19 -16.48 -3.87
CA VAL A 241 -8.19 -15.81 -5.18
CA VAL A 241 -8.26 -15.75 -5.17
C VAL A 241 -9.24 -16.53 -6.02
C VAL A 241 -9.21 -16.53 -6.09
N THR A 242 -9.17 -17.86 -6.03
CA THR A 242 -10.15 -18.71 -6.75
C THR A 242 -11.60 -18.29 -6.37
N LYS A 243 -11.90 -18.17 -5.08
CA LYS A 243 -13.27 -17.83 -4.59
C LYS A 243 -13.61 -16.41 -5.00
N GLN A 244 -12.64 -15.50 -4.91
CA GLN A 244 -12.89 -14.04 -5.12
C GLN A 244 -13.07 -13.76 -6.62
N LEU A 245 -12.34 -14.46 -7.52
CA LEU A 245 -12.54 -14.36 -8.98
C LEU A 245 -13.94 -14.90 -9.31
N THR A 246 -14.30 -16.06 -8.74
CA THR A 246 -15.63 -16.70 -8.94
C THR A 246 -16.73 -15.73 -8.49
N ALA A 247 -16.54 -15.09 -7.34
CA ALA A 247 -17.54 -14.15 -6.76
C ALA A 247 -17.77 -12.96 -7.71
N ASN A 248 -16.80 -12.64 -8.56
CA ASN A 248 -16.88 -11.48 -9.48
C ASN A 248 -17.23 -11.94 -10.88
N GLY A 249 -17.67 -13.19 -11.03
CA GLY A 249 -18.33 -13.66 -12.26
C GLY A 249 -17.43 -14.49 -13.16
N ILE A 250 -16.20 -14.74 -12.77
CA ILE A 250 -15.26 -15.51 -13.63
C ILE A 250 -15.47 -17.00 -13.34
N GLU A 251 -15.59 -17.83 -14.37
CA GLU A 251 -15.74 -19.31 -14.20
C GLU A 251 -14.34 -19.92 -14.20
N ILE A 252 -13.96 -20.59 -13.11
CA ILE A 252 -12.66 -21.30 -12.97
C ILE A 252 -12.90 -22.78 -13.29
N MET A 253 -12.36 -23.28 -14.42
CA MET A 253 -12.43 -24.70 -14.84
C MET A 253 -11.07 -25.30 -14.52
N THR A 254 -10.94 -25.97 -13.39
CA THR A 254 -9.69 -26.67 -13.00
C THR A 254 -9.76 -28.12 -13.50
N ASN A 255 -8.60 -28.77 -13.64
CA ASN A 255 -8.47 -30.14 -14.18
C ASN A 255 -9.02 -30.17 -15.60
N GLU A 256 -8.87 -29.10 -16.37
CA GLU A 256 -9.35 -29.03 -17.77
C GLU A 256 -8.27 -28.40 -18.64
N ASN A 257 -8.19 -28.85 -19.88
CA ASN A 257 -7.14 -28.38 -20.80
C ASN A 257 -7.64 -28.54 -22.23
N PRO A 258 -7.51 -27.50 -23.09
CA PRO A 258 -7.90 -27.59 -24.48
C PRO A 258 -7.11 -28.69 -25.21
N ALA A 259 -7.87 -29.52 -25.96
CA ALA A 259 -7.34 -30.60 -26.83
C ALA A 259 -7.35 -30.08 -28.26
N LYS A 260 -8.35 -29.27 -28.63
CA LYS A 260 -8.39 -28.65 -29.97
C LYS A 260 -9.33 -27.46 -29.98
N VAL A 261 -9.15 -26.62 -31.00
CA VAL A 261 -10.02 -25.46 -31.28
C VAL A 261 -10.34 -25.46 -32.78
N SER A 262 -11.61 -25.23 -33.11
CA SER A 262 -12.00 -24.96 -34.51
C SER A 262 -12.78 -23.65 -34.58
N LEU A 263 -12.84 -23.03 -35.76
CA LEU A 263 -13.64 -21.83 -36.01
C LEU A 263 -15.07 -22.29 -36.28
N ASN A 264 -16.04 -21.77 -35.53
CA ASN A 264 -17.47 -21.84 -35.89
C ASN A 264 -17.69 -20.96 -37.13
N THR A 265 -18.81 -21.14 -37.84
CA THR A 265 -19.07 -20.40 -39.10
C THR A 265 -19.20 -18.89 -38.84
N ASP A 266 -19.52 -18.47 -37.61
CA ASP A 266 -19.67 -17.04 -37.24
C ASP A 266 -18.33 -16.43 -36.76
N GLY A 267 -17.23 -17.20 -36.81
CA GLY A 267 -15.86 -16.74 -36.50
C GLY A 267 -15.54 -16.91 -35.02
N SER A 268 -16.48 -17.42 -34.24
CA SER A 268 -16.26 -17.77 -32.82
C SER A 268 -15.43 -19.06 -32.75
N LYS A 269 -14.94 -19.39 -31.58
CA LYS A 269 -14.03 -20.53 -31.38
C LYS A 269 -14.76 -21.61 -30.62
N HIS A 270 -14.69 -22.81 -31.18
CA HIS A 270 -15.24 -24.04 -30.57
C HIS A 270 -14.06 -24.76 -29.94
N VAL A 271 -13.99 -24.73 -28.61
CA VAL A 271 -12.93 -25.36 -27.79
C VAL A 271 -13.44 -26.76 -27.38
N THR A 272 -12.65 -27.78 -27.69
CA THR A 272 -12.85 -29.14 -27.11
C THR A 272 -11.76 -29.40 -26.08
N PHE A 273 -12.16 -29.77 -24.89
CA PHE A 273 -11.23 -30.07 -23.78
C PHE A 273 -10.85 -31.54 -23.88
N GLU A 274 -9.71 -31.88 -23.27
CA GLU A 274 -9.23 -33.29 -23.09
C GLU A 274 -10.33 -34.16 -22.47
N SER A 275 -11.13 -33.61 -21.54
CA SER A 275 -12.25 -34.29 -20.82
C SER A 275 -13.44 -34.58 -21.77
N GLY A 276 -13.49 -33.98 -22.96
CA GLY A 276 -14.64 -34.07 -23.87
C GLY A 276 -15.59 -32.89 -23.74
N LYS A 277 -15.48 -32.08 -22.70
CA LYS A 277 -16.32 -30.87 -22.55
C LYS A 277 -16.06 -29.94 -23.74
N THR A 278 -17.03 -29.10 -24.07
CA THR A 278 -16.83 -28.06 -25.11
C THR A 278 -17.28 -26.70 -24.58
N LEU A 279 -16.79 -25.66 -25.24
CA LEU A 279 -17.05 -24.26 -24.88
C LEU A 279 -16.83 -23.42 -26.12
N ASP A 280 -17.82 -22.59 -26.43
CA ASP A 280 -17.74 -21.59 -27.52
C ASP A 280 -17.32 -20.24 -26.91
N VAL A 281 -16.29 -19.63 -27.47
CA VAL A 281 -15.79 -18.33 -26.97
C VAL A 281 -15.44 -17.49 -28.18
N ASP A 282 -15.23 -16.20 -27.93
CA ASP A 282 -14.81 -15.28 -28.98
C ASP A 282 -13.29 -15.23 -29.05
N VAL A 283 -12.61 -15.37 -27.91
CA VAL A 283 -11.14 -15.33 -27.83
C VAL A 283 -10.67 -16.50 -26.96
N VAL A 284 -9.61 -17.16 -27.40
CA VAL A 284 -8.85 -18.16 -26.61
C VAL A 284 -7.44 -17.59 -26.41
N MET A 285 -7.14 -17.20 -25.17
CA MET A 285 -5.83 -16.63 -24.82
C MET A 285 -5.04 -17.66 -24.07
N MET A 286 -3.95 -18.09 -24.69
CA MET A 286 -3.04 -19.09 -24.09
C MET A 286 -2.04 -18.37 -23.19
N ALA A 287 -1.98 -18.75 -21.93
CA ALA A 287 -1.00 -18.19 -20.97
C ALA A 287 -0.45 -19.34 -20.11
N ILE A 288 0.11 -20.35 -20.79
CA ILE A 288 0.49 -21.63 -20.12
C ILE A 288 1.99 -21.59 -19.82
N GLY A 289 2.70 -20.55 -20.24
CA GLY A 289 4.14 -20.47 -19.98
C GLY A 289 4.82 -19.51 -20.93
N ARG A 290 6.02 -19.10 -20.55
CA ARG A 290 6.93 -18.32 -21.40
C ARG A 290 8.28 -19.03 -21.41
N ILE A 291 8.91 -19.03 -22.57
CA ILE A 291 10.18 -19.77 -22.77
C ILE A 291 11.24 -18.80 -23.22
N PRO A 292 12.51 -19.04 -22.82
CA PRO A 292 13.58 -18.10 -23.11
C PRO A 292 13.79 -18.00 -24.63
N ARG A 293 14.21 -16.83 -25.07
CA ARG A 293 14.47 -16.52 -26.51
C ARG A 293 15.94 -16.71 -26.81
N THR A 294 16.31 -17.97 -27.03
CA THR A 294 17.72 -18.41 -27.28
C THR A 294 17.95 -18.77 -28.75
N ASN A 295 16.97 -19.37 -29.43
CA ASN A 295 17.07 -19.81 -30.86
C ASN A 295 17.77 -18.75 -31.72
N ASP A 296 17.31 -17.52 -31.66
CA ASP A 296 17.69 -16.51 -32.67
C ASP A 296 19.11 -16.02 -32.45
N LEU A 297 19.73 -16.31 -31.30
CA LEU A 297 21.07 -15.73 -30.96
C LEU A 297 22.17 -16.56 -31.61
N GLN A 298 21.85 -17.76 -32.11
CA GLN A 298 22.79 -18.65 -32.83
C GLN A 298 23.91 -19.02 -31.86
N LEU A 299 23.53 -19.56 -30.71
CA LEU A 299 24.44 -19.78 -29.56
C LEU A 299 25.39 -20.94 -29.85
N GLY A 300 25.03 -21.82 -30.80
CA GLY A 300 25.91 -22.89 -31.34
C GLY A 300 27.20 -22.35 -31.96
N ASN A 301 27.19 -21.15 -32.53
CA ASN A 301 28.38 -20.51 -33.15
C ASN A 301 29.49 -20.26 -32.14
N VAL A 302 29.20 -20.17 -30.84
CA VAL A 302 30.25 -20.00 -29.79
C VAL A 302 30.15 -21.07 -28.70
N GLY A 303 29.12 -21.92 -28.71
CA GLY A 303 28.94 -22.98 -27.70
C GLY A 303 28.65 -22.39 -26.34
N VAL A 304 27.61 -21.58 -26.22
CA VAL A 304 27.04 -21.15 -24.90
C VAL A 304 26.13 -22.29 -24.43
N LYS A 305 26.31 -22.78 -23.22
CA LYS A 305 25.56 -23.94 -22.69
C LYS A 305 24.16 -23.47 -22.27
N LEU A 306 23.15 -24.27 -22.64
CA LEU A 306 21.72 -24.14 -22.25
C LEU A 306 21.41 -25.21 -21.21
N THR A 307 20.36 -25.02 -20.40
CA THR A 307 19.97 -25.95 -19.31
C THR A 307 19.08 -27.04 -19.89
N PRO A 308 18.89 -28.17 -19.16
CA PRO A 308 17.93 -29.19 -19.55
C PRO A 308 16.58 -28.56 -19.91
N LYS A 309 16.26 -27.42 -19.28
CA LYS A 309 15.00 -26.67 -19.52
C LYS A 309 15.08 -25.88 -20.85
N GLY A 310 16.19 -25.22 -21.19
CA GLY A 310 16.25 -24.32 -22.38
C GLY A 310 16.85 -22.93 -22.07
N GLY A 311 16.99 -22.54 -20.80
CA GLY A 311 17.58 -21.23 -20.45
C GLY A 311 19.10 -21.23 -20.59
N VAL A 312 19.70 -20.07 -20.84
CA VAL A 312 21.17 -19.93 -20.81
C VAL A 312 21.62 -20.30 -19.39
N GLN A 313 22.47 -21.31 -19.25
CA GLN A 313 23.09 -21.65 -17.94
C GLN A 313 23.96 -20.49 -17.50
N VAL A 314 23.87 -20.09 -16.23
CA VAL A 314 24.69 -18.99 -15.67
C VAL A 314 25.11 -19.42 -14.27
N ASP A 315 26.24 -18.90 -13.84
CA ASP A 315 26.68 -18.88 -12.43
C ASP A 315 26.09 -17.68 -11.69
N GLU A 316 26.43 -17.56 -10.40
CA GLU A 316 25.88 -16.50 -9.51
C GLU A 316 26.22 -15.09 -10.00
N PHE A 317 27.26 -14.93 -10.85
CA PHE A 317 27.68 -13.65 -11.44
C PHE A 317 27.16 -13.49 -12.87
N SER A 318 26.21 -14.34 -13.32
CA SER A 318 25.52 -14.19 -14.61
C SER A 318 26.49 -14.56 -15.74
N ARG A 319 27.56 -15.30 -15.41
CA ARG A 319 28.58 -15.70 -16.40
C ARG A 319 28.11 -16.99 -17.04
N THR A 320 28.15 -17.04 -18.37
CA THR A 320 27.98 -18.28 -19.15
C THR A 320 29.31 -19.03 -19.06
N ASN A 321 29.35 -20.19 -19.69
CA ASN A 321 30.57 -21.02 -19.86
C ASN A 321 31.60 -20.30 -20.75
N VAL A 322 31.23 -19.22 -21.47
CA VAL A 322 32.13 -18.52 -22.42
C VAL A 322 32.58 -17.21 -21.76
N PRO A 323 33.89 -17.06 -21.45
CA PRO A 323 34.36 -15.80 -20.85
C PRO A 323 33.91 -14.59 -21.69
N ASN A 324 33.59 -13.46 -21.05
CA ASN A 324 33.14 -12.20 -21.70
C ASN A 324 31.67 -12.28 -22.13
N ILE A 325 31.02 -13.45 -22.09
CA ILE A 325 29.57 -13.63 -22.42
C ILE A 325 28.78 -13.90 -21.13
N TYR A 326 27.83 -13.00 -20.84
CA TYR A 326 26.95 -13.01 -19.65
C TYR A 326 25.49 -13.12 -20.12
N ALA A 327 24.59 -13.48 -19.20
CA ALA A 327 23.14 -13.58 -19.49
C ALA A 327 22.34 -13.22 -18.23
N ILE A 328 21.39 -12.32 -18.39
CA ILE A 328 20.48 -11.92 -17.29
C ILE A 328 19.03 -12.04 -17.76
N GLY A 329 18.13 -11.98 -16.79
CA GLY A 329 16.68 -11.87 -17.00
C GLY A 329 16.06 -13.14 -17.49
N ASP A 330 14.95 -13.02 -18.21
CA ASP A 330 14.12 -14.19 -18.54
C ASP A 330 14.89 -15.21 -19.37
N ILE A 331 15.95 -14.83 -20.09
CA ILE A 331 16.70 -15.84 -20.90
C ILE A 331 17.29 -16.89 -19.99
N THR A 332 17.48 -16.62 -18.69
CA THR A 332 18.04 -17.65 -17.76
C THR A 332 16.93 -18.58 -17.23
N ASP A 333 15.66 -18.30 -17.51
CA ASP A 333 14.53 -19.20 -17.19
C ASP A 333 14.52 -19.52 -15.70
N ARG A 334 14.55 -18.50 -14.86
CA ARG A 334 14.43 -18.67 -13.39
C ARG A 334 13.15 -17.90 -12.99
N LEU A 335 13.29 -16.83 -12.21
CA LEU A 335 12.15 -15.98 -11.80
C LEU A 335 11.99 -14.87 -12.83
N MET A 336 10.95 -14.96 -13.65
CA MET A 336 10.75 -14.06 -14.82
C MET A 336 10.05 -12.79 -14.34
N LEU A 337 10.82 -11.90 -13.75
CA LEU A 337 10.32 -10.60 -13.26
C LEU A 337 11.28 -9.49 -13.69
N THR A 338 10.74 -8.31 -13.90
CA THR A 338 11.51 -7.15 -14.37
C THR A 338 12.56 -6.77 -13.32
N PRO A 339 12.21 -6.54 -12.03
CA PRO A 339 13.18 -6.07 -11.05
C PRO A 339 14.34 -7.05 -10.82
N VAL A 340 14.10 -8.33 -11.05
CA VAL A 340 15.17 -9.36 -10.99
C VAL A 340 16.14 -9.09 -12.13
N ALA A 341 15.64 -9.06 -13.37
CA ALA A 341 16.47 -8.70 -14.54
C ALA A 341 17.28 -7.41 -14.23
N ILE A 342 16.63 -6.38 -13.70
CA ILE A 342 17.30 -5.07 -13.47
C ILE A 342 18.40 -5.30 -12.43
N ASN A 343 18.06 -5.98 -11.34
CA ASN A 343 19.05 -6.28 -10.27
C ASN A 343 20.29 -6.99 -10.86
N GLU A 344 20.08 -8.02 -11.67
CA GLU A 344 21.17 -8.84 -12.26
C GLU A 344 22.06 -7.96 -13.15
N GLY A 345 21.41 -7.12 -13.96
CA GLY A 345 22.09 -6.12 -14.80
C GLY A 345 22.98 -5.18 -14.01
N ALA A 346 22.45 -4.57 -12.94
CA ALA A 346 23.12 -3.60 -12.04
C ALA A 346 24.33 -4.28 -11.41
N ALA A 347 24.17 -5.54 -10.98
CA ALA A 347 25.22 -6.33 -10.30
C ALA A 347 26.32 -6.71 -11.30
N LEU A 348 25.94 -7.22 -12.48
CA LEU A 348 26.88 -7.59 -13.55
C LEU A 348 27.80 -6.40 -13.85
N VAL A 349 27.23 -5.21 -14.02
CA VAL A 349 28.01 -3.99 -14.38
C VAL A 349 28.82 -3.49 -13.18
N ASP A 350 28.27 -3.45 -11.96
CA ASP A 350 29.02 -3.02 -10.74
C ASP A 350 30.20 -4.00 -10.57
N THR A 351 30.00 -5.29 -10.88
CA THR A 351 31.06 -6.33 -10.81
C THR A 351 32.12 -6.03 -11.86
N VAL A 352 31.76 -6.17 -13.13
CA VAL A 352 32.72 -6.25 -14.27
C VAL A 352 33.42 -4.89 -14.50
N PHE A 353 32.69 -3.77 -14.44
CA PHE A 353 33.24 -2.41 -14.75
C PHE A 353 33.44 -1.61 -13.46
N GLY A 354 32.72 -1.95 -12.40
CA GLY A 354 32.93 -1.30 -11.10
C GLY A 354 34.08 -1.90 -10.33
N ASN A 355 34.49 -3.11 -10.67
CA ASN A 355 35.46 -3.87 -9.86
C ASN A 355 34.89 -4.08 -8.46
N LYS A 356 33.57 -4.27 -8.35
CA LYS A 356 32.85 -4.32 -7.05
C LYS A 356 31.90 -5.51 -7.12
N PRO A 357 32.44 -6.74 -7.06
CA PRO A 357 31.63 -7.92 -7.36
C PRO A 357 30.41 -7.94 -6.42
N ARG A 358 29.27 -8.27 -7.00
CA ARG A 358 27.96 -8.33 -6.30
C ARG A 358 27.14 -9.36 -7.07
N LYS A 359 26.43 -10.21 -6.35
CA LYS A 359 25.59 -11.30 -6.91
C LYS A 359 24.15 -11.01 -6.51
N THR A 360 23.25 -11.20 -7.45
CA THR A 360 21.81 -11.04 -7.19
C THR A 360 21.43 -12.11 -6.15
N ASP A 361 20.67 -11.71 -5.15
CA ASP A 361 20.04 -12.62 -4.18
C ASP A 361 18.69 -13.05 -4.78
N HIS A 362 18.56 -14.35 -5.07
CA HIS A 362 17.33 -14.91 -5.70
C HIS A 362 16.38 -15.36 -4.60
N THR A 363 16.73 -15.16 -3.32
CA THR A 363 15.85 -15.47 -2.15
C THR A 363 15.12 -14.19 -1.72
N ARG A 364 13.93 -14.35 -1.16
CA ARG A 364 13.26 -13.24 -0.44
C ARG A 364 12.95 -12.16 -1.45
N VAL A 365 12.57 -12.59 -2.65
CA VAL A 365 12.18 -11.63 -3.71
C VAL A 365 10.68 -11.30 -3.57
N ALA A 366 10.36 -10.03 -3.37
CA ALA A 366 8.95 -9.62 -3.29
C ALA A 366 8.37 -9.66 -4.70
N SER A 367 7.10 -10.06 -4.81
CA SER A 367 6.43 -10.09 -6.13
C SER A 367 4.94 -9.91 -5.92
N ALA A 368 4.23 -9.68 -7.00
CA ALA A 368 2.80 -9.40 -6.92
C ALA A 368 2.07 -10.10 -8.05
N VAL A 369 0.80 -10.37 -7.81
CA VAL A 369 -0.18 -10.71 -8.85
C VAL A 369 -1.28 -9.64 -8.83
N PHE A 370 -1.42 -8.93 -9.94
CA PHE A 370 -2.49 -7.89 -9.99
C PHE A 370 -3.80 -8.52 -10.41
N SER A 371 -4.15 -9.58 -9.70
CA SER A 371 -5.50 -10.12 -9.59
C SER A 371 -6.36 -9.06 -8.92
N ILE A 372 -7.67 -9.22 -9.07
CA ILE A 372 -8.63 -8.38 -8.32
C ILE A 372 -9.33 -9.32 -7.35
N PRO A 373 -9.07 -9.17 -6.03
CA PRO A 373 -8.03 -8.27 -5.50
C PRO A 373 -6.66 -8.90 -5.61
N PRO A 374 -5.59 -8.13 -5.36
CA PRO A 374 -4.23 -8.57 -5.68
C PRO A 374 -3.47 -9.29 -4.56
N ILE A 375 -2.39 -9.94 -4.97
CA ILE A 375 -1.48 -10.70 -4.13
C ILE A 375 -0.19 -9.93 -4.02
N GLY A 376 0.36 -9.90 -2.80
CA GLY A 376 1.74 -9.47 -2.54
C GLY A 376 2.44 -10.52 -1.71
N THR A 377 3.62 -10.93 -2.11
CA THR A 377 4.31 -12.07 -1.45
C THR A 377 5.80 -11.87 -1.48
N CYS A 378 6.48 -12.37 -0.46
CA CYS A 378 7.95 -12.37 -0.37
C CYS A 378 8.36 -13.59 0.42
N GLY A 379 9.32 -14.38 -0.09
CA GLY A 379 9.91 -15.52 0.62
C GLY A 379 9.08 -16.77 0.51
N LEU A 380 9.29 -17.68 1.46
CA LEU A 380 8.88 -19.10 1.30
C LEU A 380 7.42 -19.26 1.67
N ILE A 381 6.72 -20.07 0.89
CA ILE A 381 5.41 -20.62 1.33
C ILE A 381 5.71 -21.72 2.36
N GLU A 382 4.77 -21.97 3.24
CA GLU A 382 5.00 -22.83 4.41
C GLU A 382 5.38 -24.26 4.00
N GLU A 383 4.82 -24.79 2.92
CA GLU A 383 5.07 -26.22 2.51
C GLU A 383 6.56 -26.35 2.20
N VAL A 384 7.12 -25.33 1.56
CA VAL A 384 8.57 -25.25 1.24
C VAL A 384 9.36 -25.04 2.54
N ALA A 385 8.99 -24.10 3.39
CA ALA A 385 9.69 -23.86 4.68
C ALA A 385 9.74 -25.17 5.49
N ALA A 386 8.62 -25.91 5.51
CA ALA A 386 8.37 -27.10 6.37
C ALA A 386 9.35 -28.23 5.99
N LYS A 387 9.80 -28.26 4.74
CA LYS A 387 10.80 -29.27 4.26
C LYS A 387 12.23 -28.84 4.62
N GLU A 388 12.50 -27.56 4.92
CA GLU A 388 13.88 -27.03 5.15
C GLU A 388 14.16 -26.83 6.64
N PHE A 389 13.12 -26.57 7.44
CA PHE A 389 13.24 -26.14 8.84
C PHE A 389 12.49 -27.15 9.70
N GLU A 390 13.09 -27.55 10.83
N GLU A 390 13.09 -27.53 10.83
CA GLU A 390 12.50 -28.56 11.75
CA GLU A 390 12.57 -28.53 11.80
C GLU A 390 11.15 -28.05 12.28
C GLU A 390 11.22 -28.06 12.33
N LYS A 391 11.11 -26.78 12.73
CA LYS A 391 9.88 -26.18 13.31
C LYS A 391 9.54 -24.88 12.59
N VAL A 392 8.39 -24.85 11.94
CA VAL A 392 7.87 -23.67 11.20
C VAL A 392 6.60 -23.22 11.92
N ALA A 393 6.45 -21.92 12.17
CA ALA A 393 5.19 -21.36 12.69
C ALA A 393 4.51 -20.58 11.58
N VAL A 394 3.19 -20.67 11.57
CA VAL A 394 2.35 -19.88 10.64
C VAL A 394 1.41 -19.00 11.46
N TYR A 395 1.52 -17.70 11.18
CA TYR A 395 0.69 -16.63 11.75
C TYR A 395 -0.28 -16.23 10.65
N MET A 396 -1.57 -16.24 10.92
CA MET A 396 -2.55 -15.98 9.86
C MET A 396 -3.66 -15.08 10.41
N SER A 397 -4.00 -14.05 9.64
CA SER A 397 -5.19 -13.20 9.87
C SER A 397 -5.96 -13.17 8.56
N SER A 398 -7.25 -13.51 8.57
CA SER A 398 -8.09 -13.57 7.35
C SER A 398 -9.48 -13.11 7.73
N PHE A 399 -9.95 -12.00 7.15
CA PHE A 399 -11.28 -11.45 7.44
C PHE A 399 -11.61 -10.50 6.30
N THR A 400 -12.90 -10.26 6.10
CA THR A 400 -13.34 -9.18 5.20
C THR A 400 -13.18 -7.86 5.93
N PRO A 401 -12.42 -6.90 5.39
CA PRO A 401 -12.26 -5.61 6.03
C PRO A 401 -13.62 -4.92 6.02
N LEU A 402 -13.74 -4.03 7.00
CA LEU A 402 -14.94 -3.22 7.28
C LEU A 402 -15.41 -2.53 6.00
N MET A 403 -14.49 -1.85 5.28
CA MET A 403 -14.86 -1.07 4.06
C MET A 403 -15.67 -1.99 3.14
N HIS A 404 -15.26 -3.24 2.99
CA HIS A 404 -15.87 -4.19 2.00
C HIS A 404 -17.17 -4.78 2.54
N ASN A 405 -17.39 -4.80 3.85
CA ASN A 405 -18.75 -5.05 4.39
C ASN A 405 -19.68 -3.92 3.96
N ILE A 406 -19.21 -2.66 4.00
CA ILE A 406 -20.01 -1.49 3.56
C ILE A 406 -20.16 -1.46 2.04
N SER A 407 -19.09 -1.77 1.29
CA SER A 407 -19.10 -1.73 -0.19
C SER A 407 -20.04 -2.77 -0.78
N GLY A 408 -20.28 -3.88 -0.07
CA GLY A 408 -21.10 -5.02 -0.52
C GLY A 408 -20.24 -6.13 -1.10
N SER A 409 -18.91 -5.95 -1.17
CA SER A 409 -18.00 -7.02 -1.65
C SER A 409 -17.58 -7.88 -0.45
N LYS A 410 -18.53 -8.57 0.18
CA LYS A 410 -18.29 -9.30 1.45
C LYS A 410 -17.24 -10.42 1.22
N TYR A 411 -17.15 -10.89 -0.02
CA TYR A 411 -16.26 -11.98 -0.44
C TYR A 411 -14.80 -11.52 -0.42
N LYS A 412 -14.48 -10.22 -0.34
CA LYS A 412 -13.06 -9.76 -0.40
C LYS A 412 -12.39 -9.92 0.98
N LYS A 413 -12.12 -11.17 1.35
CA LYS A 413 -11.34 -11.50 2.57
C LYS A 413 -9.89 -11.07 2.35
N PHE A 414 -9.37 -10.26 3.24
CA PHE A 414 -7.93 -9.91 3.33
C PHE A 414 -7.23 -11.08 4.02
N VAL A 415 -6.14 -11.56 3.42
CA VAL A 415 -5.32 -12.64 4.03
C VAL A 415 -3.93 -12.07 4.28
N ALA A 416 -3.46 -12.19 5.52
CA ALA A 416 -2.07 -11.86 5.91
C ALA A 416 -1.46 -13.08 6.59
N LYS A 417 -0.38 -13.64 6.04
CA LYS A 417 0.28 -14.82 6.65
C LYS A 417 1.75 -14.55 6.76
N ILE A 418 2.28 -14.83 7.93
CA ILE A 418 3.74 -14.79 8.19
C ILE A 418 4.16 -16.21 8.51
N VAL A 419 5.19 -16.67 7.82
CA VAL A 419 5.81 -18.01 7.99
C VAL A 419 7.17 -17.80 8.66
N THR A 420 7.44 -18.47 9.79
CA THR A 420 8.73 -18.27 10.49
C THR A 420 9.46 -19.59 10.69
N ASN A 421 10.76 -19.45 10.88
CA ASN A 421 11.58 -20.48 11.56
C ASN A 421 11.24 -20.35 13.04
N HIS A 422 10.47 -21.30 13.57
CA HIS A 422 10.00 -21.19 14.97
C HIS A 422 11.16 -21.33 15.95
N SER A 423 12.32 -21.87 15.55
CA SER A 423 13.50 -22.00 16.43
C SER A 423 14.06 -20.63 16.83
N ASP A 424 14.03 -19.61 15.96
CA ASP A 424 14.64 -18.30 16.27
C ASP A 424 13.68 -17.13 15.93
N GLY A 425 12.50 -17.41 15.37
CA GLY A 425 11.49 -16.39 15.03
C GLY A 425 11.75 -15.72 13.68
N THR A 426 12.77 -16.14 12.94
CA THR A 426 13.16 -15.48 11.67
C THR A 426 11.98 -15.59 10.71
N VAL A 427 11.61 -14.49 10.08
CA VAL A 427 10.52 -14.52 9.07
C VAL A 427 11.05 -15.11 7.78
N LEU A 428 10.41 -16.16 7.32
CA LEU A 428 10.82 -16.89 6.12
C LEU A 428 9.97 -16.45 4.94
N GLY A 429 8.73 -16.07 5.18
CA GLY A 429 7.85 -15.57 4.11
C GLY A 429 6.65 -14.83 4.64
N VAL A 430 6.14 -13.93 3.81
CA VAL A 430 4.95 -13.08 4.10
C VAL A 430 4.09 -13.16 2.86
N HIS A 431 2.79 -13.39 3.04
CA HIS A 431 1.85 -13.70 1.94
C HIS A 431 0.59 -12.91 2.19
N LEU A 432 0.23 -12.01 1.25
CA LEU A 432 -0.89 -11.06 1.43
C LEU A 432 -1.87 -11.23 0.27
N LEU A 433 -3.15 -11.21 0.57
CA LEU A 433 -4.20 -11.07 -0.47
C LEU A 433 -5.13 -9.95 -0.04
N GLY A 434 -5.25 -8.94 -0.90
CA GLY A 434 -6.25 -7.87 -0.72
C GLY A 434 -5.77 -6.57 -1.29
N ASP A 435 -6.64 -5.58 -1.30
CA ASP A 435 -6.34 -4.24 -1.85
C ASP A 435 -5.06 -3.72 -1.19
N GLY A 436 -4.09 -3.27 -1.98
CA GLY A 436 -2.87 -2.67 -1.45
C GLY A 436 -1.76 -3.68 -1.20
N ALA A 437 -2.02 -5.00 -1.31
CA ALA A 437 -1.03 -6.07 -1.04
C ALA A 437 0.29 -5.80 -1.77
N PRO A 438 0.32 -5.44 -3.07
CA PRO A 438 1.60 -5.24 -3.76
C PRO A 438 2.42 -4.08 -3.15
N GLU A 439 1.71 -3.06 -2.67
CA GLU A 439 2.33 -1.86 -2.08
C GLU A 439 2.84 -2.22 -0.68
N ILE A 440 2.05 -2.97 0.07
CA ILE A 440 2.39 -3.38 1.45
C ILE A 440 3.68 -4.18 1.41
N ILE A 441 3.84 -5.05 0.42
CA ILE A 441 4.87 -6.12 0.52
C ILE A 441 6.26 -5.54 0.24
N GLN A 442 6.36 -4.42 -0.47
CA GLN A 442 7.69 -3.95 -0.90
C GLN A 442 8.61 -3.79 0.32
N ALA A 443 8.20 -3.04 1.34
CA ALA A 443 9.08 -2.80 2.50
C ALA A 443 9.22 -4.07 3.35
N VAL A 444 8.32 -5.04 3.21
CA VAL A 444 8.50 -6.39 3.79
C VAL A 444 9.73 -7.05 3.16
N GLY A 445 9.96 -6.86 1.86
CA GLY A 445 11.18 -7.38 1.19
C GLY A 445 12.43 -6.85 1.88
N VAL A 446 12.38 -5.58 2.28
CA VAL A 446 13.54 -4.97 2.99
C VAL A 446 13.65 -5.63 4.37
N CYS A 447 12.54 -5.84 5.04
CA CYS A 447 12.51 -6.51 6.37
C CYS A 447 13.20 -7.88 6.29
N LEU A 448 12.88 -8.67 5.27
CA LEU A 448 13.45 -10.04 5.13
C LEU A 448 14.95 -9.95 4.82
N ARG A 449 15.38 -9.01 3.98
N ARG A 449 15.37 -9.00 3.99
CA ARG A 449 16.82 -8.77 3.74
CA ARG A 449 16.81 -8.73 3.73
C ARG A 449 17.50 -8.51 5.09
C ARG A 449 17.51 -8.44 5.07
N LEU A 450 16.81 -7.82 6.02
CA LEU A 450 17.36 -7.48 7.38
C LEU A 450 17.20 -8.65 8.38
N ASN A 451 16.72 -9.82 7.95
CA ASN A 451 16.51 -11.02 8.81
C ASN A 451 15.52 -10.71 9.93
N ALA A 452 14.49 -9.92 9.63
CA ALA A 452 13.45 -9.58 10.61
C ALA A 452 12.90 -10.88 11.21
N LYS A 453 12.66 -10.87 12.52
CA LYS A 453 11.91 -11.92 13.24
C LYS A 453 10.47 -11.45 13.40
N ILE A 454 9.57 -12.37 13.74
CA ILE A 454 8.14 -12.10 14.05
C ILE A 454 8.06 -11.04 15.16
N SER A 455 8.97 -11.05 16.14
CA SER A 455 8.95 -10.05 17.24
C SER A 455 9.29 -8.64 16.72
N ASP A 456 10.11 -8.54 15.68
CA ASP A 456 10.39 -7.23 15.05
C ASP A 456 9.11 -6.65 14.44
N PHE A 457 8.28 -7.49 13.83
CA PHE A 457 6.94 -7.05 13.34
C PHE A 457 6.03 -6.71 14.51
N TYR A 458 5.84 -7.61 15.47
CA TYR A 458 4.78 -7.36 16.47
C TYR A 458 5.23 -6.24 17.41
N ASN A 459 6.52 -5.95 17.58
CA ASN A 459 6.95 -4.86 18.48
C ASN A 459 6.93 -3.51 17.77
N THR A 460 6.70 -3.48 16.45
CA THR A 460 6.54 -2.21 15.70
C THR A 460 5.12 -1.68 15.90
N ILE A 461 4.98 -0.38 16.08
CA ILE A 461 3.65 0.24 16.32
C ILE A 461 2.91 0.31 14.98
N GLY A 462 1.65 -0.08 15.02
CA GLY A 462 0.78 -0.07 13.82
C GLY A 462 0.50 1.35 13.34
N VAL A 463 0.28 1.44 12.03
CA VAL A 463 -0.40 2.56 11.35
C VAL A 463 -1.87 2.22 11.25
N HIS A 464 -2.71 3.07 11.82
CA HIS A 464 -4.14 2.74 12.00
C HIS A 464 -5.00 3.85 11.40
N PRO A 465 -6.07 3.53 10.65
CA PRO A 465 -6.42 2.17 10.23
C PRO A 465 -5.87 1.83 8.83
N THR A 466 -5.20 0.68 8.74
CA THR A 466 -4.65 0.16 7.47
C THR A 466 -4.83 -1.35 7.47
N SER A 467 -4.76 -1.97 6.30
CA SER A 467 -4.63 -3.45 6.22
C SER A 467 -3.25 -3.88 6.72
N ALA A 468 -2.23 -3.09 6.40
CA ALA A 468 -0.81 -3.41 6.68
C ALA A 468 -0.57 -3.64 8.17
N GLU A 469 -1.29 -2.93 9.04
CA GLU A 469 -1.05 -3.04 10.49
C GLU A 469 -1.33 -4.45 10.97
N GLU A 470 -2.09 -5.23 10.21
CA GLU A 470 -2.33 -6.65 10.58
C GLU A 470 -0.99 -7.37 10.76
N LEU A 471 0.01 -7.02 9.95
CA LEU A 471 1.36 -7.65 10.01
C LEU A 471 2.08 -7.37 11.34
N CYS A 472 1.67 -6.33 12.06
CA CYS A 472 2.30 -5.93 13.34
C CYS A 472 1.41 -6.34 14.52
N SER A 473 0.33 -7.12 14.29
CA SER A 473 -0.65 -7.49 15.35
C SER A 473 -0.64 -9.00 15.62
N MET A 474 0.30 -9.76 15.06
CA MET A 474 0.28 -11.25 15.12
C MET A 474 1.40 -11.74 16.02
N ARG A 475 1.03 -12.26 17.20
CA ARG A 475 1.97 -12.62 18.29
C ARG A 475 1.98 -14.14 18.50
N THR A 476 0.90 -14.80 18.14
CA THR A 476 0.64 -16.22 18.47
C THR A 476 0.45 -17.00 17.18
N PRO A 477 1.26 -18.05 16.94
CA PRO A 477 1.06 -18.93 15.80
C PRO A 477 -0.36 -19.45 15.71
N SER A 478 -0.88 -19.57 14.48
CA SER A 478 -2.18 -20.20 14.16
C SER A 478 -1.96 -21.71 14.13
N TYR A 479 -0.77 -22.12 13.72
CA TYR A 479 -0.39 -23.55 13.62
C TYR A 479 1.07 -23.61 13.27
N TYR A 480 1.60 -24.85 13.20
CA TYR A 480 3.03 -25.17 13.07
C TYR A 480 3.19 -26.30 12.05
N TYR A 481 4.43 -26.47 11.60
CA TYR A 481 4.94 -27.71 10.97
C TYR A 481 6.12 -28.18 11.83
N VAL A 482 6.06 -29.42 12.31
CA VAL A 482 7.17 -30.04 13.07
C VAL A 482 7.68 -31.22 12.26
N LYS A 483 8.95 -31.16 11.85
CA LYS A 483 9.57 -32.09 10.89
C LYS A 483 8.62 -32.38 9.74
N GLY A 484 8.03 -31.35 9.10
CA GLY A 484 7.20 -31.50 7.89
C GLY A 484 5.73 -31.73 8.20
N GLU A 485 5.37 -31.99 9.45
CA GLU A 485 4.01 -32.43 9.86
C GLU A 485 3.20 -31.22 10.36
N LYS A 486 2.04 -30.98 9.76
CA LYS A 486 1.16 -29.87 10.18
C LYS A 486 0.47 -30.25 11.50
N MET A 487 0.47 -29.34 12.47
CA MET A 487 -0.23 -29.55 13.77
C MET A 487 -0.57 -28.19 14.37
N GLU A 488 -1.68 -28.14 15.09
CA GLU A 488 -2.22 -26.90 15.70
C GLU A 488 -1.28 -26.46 16.84
N LYS A 489 -0.70 -27.40 17.58
CA LYS A 489 0.08 -27.08 18.80
C LYS A 489 1.41 -27.82 18.73
N LEU A 490 2.46 -27.26 19.32
CA LEU A 490 3.76 -27.95 19.40
C LEU A 490 3.64 -29.14 20.35
N PRO A 491 4.41 -30.22 20.17
CA PRO A 491 4.72 -31.16 21.25
C PRO A 491 5.54 -30.50 22.37
N LYS B 6 -16.74 -1.55 45.74
CA LYS B 6 -16.20 -2.81 45.14
C LYS B 6 -14.68 -2.64 44.95
N ALA B 7 -13.89 -3.72 45.08
CA ALA B 7 -12.41 -3.67 45.17
C ALA B 7 -11.80 -4.25 43.90
N PHE B 8 -10.78 -3.60 43.33
CA PHE B 8 -10.15 -3.99 42.03
C PHE B 8 -8.64 -3.91 42.14
N ASP B 9 -7.95 -4.76 41.37
CA ASP B 9 -6.49 -4.67 41.15
C ASP B 9 -6.20 -3.39 40.35
N LEU B 10 -7.03 -3.12 39.35
CA LEU B 10 -6.83 -1.97 38.42
C LEU B 10 -8.17 -1.31 38.17
N VAL B 11 -8.20 0.02 38.29
CA VAL B 11 -9.36 0.76 37.76
C VAL B 11 -8.86 1.67 36.66
N VAL B 12 -9.51 1.53 35.50
CA VAL B 12 -9.20 2.30 34.26
C VAL B 12 -10.30 3.32 34.07
N ILE B 13 -9.94 4.60 34.10
CA ILE B 13 -10.89 5.66 33.70
C ILE B 13 -10.67 5.98 32.22
N GLY B 14 -11.65 5.60 31.41
CA GLY B 14 -11.65 5.80 29.96
C GLY B 14 -11.55 4.46 29.25
N ALA B 15 -12.62 4.05 28.60
CA ALA B 15 -12.73 2.75 27.90
C ALA B 15 -12.36 2.95 26.42
N GLY B 16 -11.15 3.46 26.21
CA GLY B 16 -10.69 3.86 24.90
C GLY B 16 -9.50 3.04 24.42
N SER B 17 -8.85 3.54 23.36
CA SER B 17 -7.75 2.76 22.72
C SER B 17 -6.81 2.23 23.81
N GLY B 18 -6.31 3.10 24.69
CA GLY B 18 -5.28 2.70 25.65
C GLY B 18 -5.88 2.00 26.85
N GLY B 19 -7.00 2.54 27.37
CA GLY B 19 -7.69 1.96 28.51
C GLY B 19 -8.09 0.52 28.28
N LEU B 20 -8.66 0.22 27.11
CA LEU B 20 -9.14 -1.16 26.86
C LEU B 20 -7.97 -2.11 26.68
N GLU B 21 -6.91 -1.70 25.99
CA GLU B 21 -5.70 -2.55 25.87
C GLU B 21 -5.21 -2.90 27.28
N ALA B 22 -5.07 -1.90 28.13
CA ALA B 22 -4.51 -2.11 29.48
C ALA B 22 -5.45 -3.01 30.28
N GLY B 23 -6.75 -2.69 30.30
CA GLY B 23 -7.74 -3.43 31.09
C GLY B 23 -7.80 -4.89 30.65
N TRP B 24 -7.90 -5.11 29.34
CA TRP B 24 -8.06 -6.46 28.77
C TRP B 24 -6.79 -7.25 29.04
N ASN B 25 -5.62 -6.64 28.87
CA ASN B 25 -4.35 -7.36 29.11
C ASN B 25 -4.22 -7.71 30.60
N ALA B 26 -4.50 -6.77 31.49
CA ALA B 26 -4.37 -7.02 32.94
C ALA B 26 -5.34 -8.12 33.36
N ALA B 27 -6.58 -8.11 32.86
CA ALA B 27 -7.58 -9.15 33.22
C ALA B 27 -7.16 -10.50 32.62
N THR B 28 -6.79 -10.55 31.35
CA THR B 28 -6.69 -11.83 30.60
C THR B 28 -5.26 -12.36 30.72
N LEU B 29 -4.24 -11.51 30.56
CA LEU B 29 -2.84 -12.01 30.57
C LEU B 29 -2.38 -12.18 32.02
N TYR B 30 -2.82 -11.33 32.95
CA TYR B 30 -2.25 -11.38 34.33
C TYR B 30 -3.30 -11.77 35.37
N GLY B 31 -4.51 -12.10 34.96
CA GLY B 31 -5.56 -12.61 35.86
C GLY B 31 -6.01 -11.59 36.90
N LYS B 32 -5.86 -10.29 36.63
CA LYS B 32 -6.22 -9.24 37.61
C LYS B 32 -7.72 -8.94 37.53
N ARG B 33 -8.29 -8.45 38.63
CA ARG B 33 -9.68 -7.96 38.67
C ARG B 33 -9.66 -6.48 38.25
N VAL B 34 -10.37 -6.17 37.16
CA VAL B 34 -10.24 -4.87 36.45
C VAL B 34 -11.61 -4.23 36.31
N ALA B 35 -11.71 -2.94 36.63
CA ALA B 35 -12.88 -2.11 36.35
C ALA B 35 -12.48 -1.07 35.31
N VAL B 36 -13.37 -0.80 34.37
CA VAL B 36 -13.18 0.23 33.32
C VAL B 36 -14.41 1.12 33.31
N VAL B 37 -14.19 2.43 33.32
CA VAL B 37 -15.26 3.45 33.40
C VAL B 37 -15.33 4.23 32.10
N ASP B 38 -16.53 4.46 31.56
CA ASP B 38 -16.73 5.39 30.42
C ASP B 38 -18.13 5.97 30.53
N VAL B 39 -18.34 7.08 29.85
CA VAL B 39 -19.49 7.98 30.10
C VAL B 39 -20.67 7.56 29.22
N GLN B 40 -20.46 6.67 28.26
CA GLN B 40 -21.48 6.33 27.24
C GLN B 40 -21.18 4.95 26.66
N THR B 41 -22.22 4.18 26.31
CA THR B 41 -22.04 2.79 25.88
C THR B 41 -22.00 2.74 24.35
N SER B 42 -22.46 3.78 23.67
CA SER B 42 -22.40 3.82 22.20
C SER B 42 -22.19 5.25 21.73
N HIS B 43 -21.82 5.38 20.45
CA HIS B 43 -21.31 6.63 19.87
C HIS B 43 -22.34 7.75 19.86
N GLY B 44 -21.82 8.98 19.90
CA GLY B 44 -22.55 10.14 19.42
C GLY B 44 -23.00 11.04 20.55
N PRO B 45 -23.82 12.05 20.21
CA PRO B 45 -24.23 13.03 21.21
C PRO B 45 -24.97 12.32 22.34
N PRO B 46 -24.87 12.83 23.59
CA PRO B 46 -24.16 14.08 23.86
C PRO B 46 -22.65 14.06 24.12
N PHE B 47 -22.02 12.93 24.42
CA PHE B 47 -20.60 12.93 24.89
C PHE B 47 -19.66 12.47 23.75
N TYR B 48 -20.21 11.97 22.64
CA TYR B 48 -19.51 11.66 21.36
C TYR B 48 -18.60 10.44 21.50
N ALA B 49 -17.49 10.55 22.22
CA ALA B 49 -16.70 9.37 22.59
C ALA B 49 -17.51 8.53 23.57
N ALA B 50 -17.12 7.27 23.67
CA ALA B 50 -17.93 6.24 24.35
C ALA B 50 -17.07 5.01 24.47
N LEU B 51 -17.66 3.97 25.01
CA LEU B 51 -17.06 2.63 24.99
C LEU B 51 -16.37 2.40 23.65
N GLY B 52 -15.07 2.11 23.68
CA GLY B 52 -14.25 1.92 22.47
C GLY B 52 -13.30 3.07 22.27
N GLY B 53 -13.63 4.26 22.75
CA GLY B 53 -12.77 5.45 22.71
C GLY B 53 -13.06 6.39 21.56
N THR B 54 -12.20 7.39 21.39
CA THR B 54 -12.33 8.46 20.40
C THR B 54 -12.15 7.87 19.01
N CYS B 55 -11.18 7.00 18.85
CA CYS B 55 -10.79 6.45 17.53
C CYS B 55 -12.01 5.68 16.98
N VAL B 56 -12.58 4.80 17.80
CA VAL B 56 -13.74 3.96 17.40
C VAL B 56 -14.91 4.87 17.06
N ASN B 57 -15.21 5.80 17.95
CA ASN B 57 -16.53 6.48 17.94
C ASN B 57 -16.51 7.74 17.05
N VAL B 58 -15.51 8.58 17.21
CA VAL B 58 -15.46 9.90 16.53
C VAL B 58 -14.03 10.18 16.09
N GLY B 59 -13.37 9.18 15.50
CA GLY B 59 -11.95 9.31 15.15
C GLY B 59 -11.57 8.43 13.99
N CYS B 60 -10.46 7.71 14.13
CA CYS B 60 -9.82 6.98 13.01
C CYS B 60 -10.88 6.15 12.25
N VAL B 61 -11.70 5.42 12.97
CA VAL B 61 -12.55 4.38 12.33
C VAL B 61 -13.57 5.07 11.42
N PRO B 62 -14.45 5.94 11.93
CA PRO B 62 -15.44 6.58 11.07
C PRO B 62 -14.78 7.52 10.07
N LYS B 63 -13.71 8.22 10.45
CA LYS B 63 -13.12 9.16 9.48
C LYS B 63 -12.57 8.35 8.28
N LYS B 64 -12.00 7.18 8.51
CA LYS B 64 -11.39 6.41 7.39
C LYS B 64 -12.52 5.92 6.48
N LEU B 65 -13.61 5.45 7.05
CA LEU B 65 -14.80 5.11 6.23
C LEU B 65 -15.23 6.32 5.39
N MET B 66 -15.26 7.52 5.97
CA MET B 66 -15.77 8.70 5.24
C MET B 66 -14.76 9.15 4.18
N VAL B 67 -13.47 9.02 4.46
CA VAL B 67 -12.45 9.36 3.42
C VAL B 67 -12.56 8.34 2.28
N THR B 68 -12.75 7.07 2.62
CA THR B 68 -12.95 6.04 1.59
C THR B 68 -14.15 6.46 0.73
N GLY B 69 -15.25 6.86 1.34
CA GLY B 69 -16.41 7.39 0.60
C GLY B 69 -16.02 8.57 -0.30
N ALA B 70 -15.27 9.53 0.24
CA ALA B 70 -14.84 10.74 -0.49
C ALA B 70 -13.97 10.36 -1.70
N GLN B 71 -13.16 9.31 -1.61
CA GLN B 71 -12.25 8.88 -2.71
C GLN B 71 -13.07 8.51 -3.95
N TYR B 72 -14.33 8.10 -3.81
CA TYR B 72 -15.13 7.74 -5.01
C TYR B 72 -15.35 8.94 -5.94
N MET B 73 -15.34 10.16 -5.43
CA MET B 73 -15.46 11.31 -6.33
C MET B 73 -14.31 11.25 -7.34
N ASP B 74 -13.11 10.90 -6.88
CA ASP B 74 -11.93 10.84 -7.76
C ASP B 74 -12.07 9.59 -8.64
N HIS B 75 -12.44 8.45 -8.08
CA HIS B 75 -12.50 7.21 -8.87
C HIS B 75 -13.51 7.40 -10.01
N LEU B 76 -14.70 7.95 -9.72
CA LEU B 76 -15.74 8.13 -10.77
C LEU B 76 -15.15 8.99 -11.89
N ARG B 77 -14.51 10.10 -11.56
CA ARG B 77 -13.95 11.03 -12.58
C ARG B 77 -12.82 10.33 -13.35
N GLU B 78 -11.90 9.70 -12.61
CA GLU B 78 -10.69 9.04 -13.13
C GLU B 78 -11.06 7.86 -14.03
N SER B 79 -12.18 7.18 -13.78
CA SER B 79 -12.63 5.99 -14.55
C SER B 79 -12.69 6.32 -16.05
N ALA B 80 -13.03 7.55 -16.39
CA ALA B 80 -13.21 7.95 -17.79
C ALA B 80 -11.95 7.72 -18.60
N GLY B 81 -10.77 8.03 -18.05
CA GLY B 81 -9.50 7.90 -18.78
C GLY B 81 -9.23 6.46 -19.21
N PHE B 82 -9.80 5.50 -18.48
CA PHE B 82 -9.71 4.04 -18.72
C PHE B 82 -10.93 3.53 -19.50
N GLY B 83 -11.72 4.45 -20.09
CA GLY B 83 -12.83 4.10 -21.00
C GLY B 83 -14.19 3.95 -20.33
N TRP B 84 -14.30 4.21 -19.03
CA TRP B 84 -15.62 4.03 -18.37
C TRP B 84 -16.48 5.24 -18.77
N GLU B 85 -17.72 4.92 -19.10
CA GLU B 85 -18.74 5.88 -19.57
C GLU B 85 -19.96 5.68 -18.72
N PHE B 86 -20.53 6.78 -18.26
CA PHE B 86 -21.84 6.73 -17.60
C PHE B 86 -22.36 8.15 -17.61
N ASP B 87 -23.59 8.33 -17.18
CA ASP B 87 -24.22 9.67 -17.24
C ASP B 87 -23.74 10.52 -16.05
N GLY B 88 -22.79 11.42 -16.27
CA GLY B 88 -22.20 12.23 -15.19
C GLY B 88 -23.27 13.06 -14.49
N SER B 89 -24.30 13.46 -15.23
CA SER B 89 -25.37 14.34 -14.72
C SER B 89 -26.25 13.54 -13.74
N SER B 90 -26.16 12.20 -13.72
CA SER B 90 -26.93 11.42 -12.73
C SER B 90 -26.18 11.28 -11.40
N VAL B 91 -24.92 11.72 -11.31
CA VAL B 91 -24.08 11.40 -10.13
C VAL B 91 -24.52 12.25 -8.95
N LYS B 92 -24.81 11.60 -7.83
CA LYS B 92 -25.07 12.30 -6.56
C LYS B 92 -24.29 11.60 -5.47
N ALA B 93 -23.70 12.39 -4.60
CA ALA B 93 -23.02 11.95 -3.36
C ALA B 93 -24.05 12.00 -2.23
N ASN B 94 -24.60 10.84 -1.86
CA ASN B 94 -25.63 10.80 -0.80
C ASN B 94 -24.98 10.65 0.57
N TRP B 95 -24.76 11.78 1.22
CA TRP B 95 -24.15 11.90 2.56
C TRP B 95 -25.00 11.17 3.60
N LYS B 96 -26.33 11.16 3.43
CA LYS B 96 -27.18 10.50 4.43
C LYS B 96 -26.83 9.03 4.47
N LYS B 97 -26.65 8.41 3.31
CA LYS B 97 -26.27 6.99 3.23
C LYS B 97 -24.89 6.78 3.87
N LEU B 98 -23.93 7.65 3.61
CA LEU B 98 -22.58 7.52 4.22
C LEU B 98 -22.71 7.54 5.74
N ILE B 99 -23.44 8.53 6.27
CA ILE B 99 -23.58 8.72 7.74
C ILE B 99 -24.27 7.47 8.31
N ALA B 100 -25.29 6.96 7.65
CA ALA B 100 -26.02 5.77 8.12
C ALA B 100 -25.09 4.56 8.15
N ALA B 101 -24.30 4.35 7.10
CA ALA B 101 -23.35 3.24 7.01
C ALA B 101 -22.31 3.39 8.11
N LYS B 102 -21.77 4.61 8.26
CA LYS B 102 -20.78 4.90 9.33
C LYS B 102 -21.36 4.57 10.72
N ASN B 103 -22.57 5.03 11.01
CA ASN B 103 -23.23 4.86 12.34
C ASN B 103 -23.41 3.37 12.65
N GLU B 104 -23.82 2.58 11.69
CA GLU B 104 -24.01 1.14 11.85
C GLU B 104 -22.66 0.51 12.17
N ALA B 105 -21.60 0.87 11.41
CA ALA B 105 -20.28 0.27 11.62
C ALA B 105 -19.79 0.59 13.04
N VAL B 106 -19.91 1.84 13.47
CA VAL B 106 -19.46 2.27 14.82
C VAL B 106 -20.32 1.57 15.88
N LEU B 107 -21.64 1.54 15.71
CA LEU B 107 -22.49 0.88 16.73
C LEU B 107 -22.17 -0.61 16.83
N ASP B 108 -21.89 -1.30 15.73
CA ASP B 108 -21.49 -2.73 15.80
C ASP B 108 -20.25 -2.88 16.70
N ILE B 109 -19.27 -1.99 16.56
CA ILE B 109 -18.06 -2.04 17.40
C ILE B 109 -18.46 -1.79 18.86
N ASN B 110 -19.31 -0.80 19.09
CA ASN B 110 -19.79 -0.47 20.46
C ASN B 110 -20.34 -1.76 21.07
N LYS B 111 -21.21 -2.41 20.32
CA LYS B 111 -21.90 -3.64 20.76
C LYS B 111 -20.90 -4.75 21.00
N SER B 112 -19.89 -4.91 20.17
CA SER B 112 -18.89 -5.98 20.34
C SER B 112 -18.12 -5.72 21.65
N TYR B 113 -17.71 -4.49 21.93
CA TYR B 113 -17.07 -4.13 23.24
C TYR B 113 -17.99 -4.42 24.42
N GLU B 114 -19.26 -4.07 24.32
CA GLU B 114 -20.27 -4.46 25.34
C GLU B 114 -20.17 -5.97 25.58
N GLY B 115 -20.18 -6.77 24.50
CA GLY B 115 -20.12 -8.24 24.57
C GLY B 115 -18.80 -8.71 25.16
N MET B 116 -17.69 -8.02 24.88
CA MET B 116 -16.35 -8.36 25.45
C MET B 116 -16.39 -8.26 26.99
N PHE B 117 -16.98 -7.19 27.54
CA PHE B 117 -17.13 -7.00 29.01
C PHE B 117 -18.05 -8.08 29.58
N ASN B 118 -19.17 -8.35 28.91
CA ASN B 118 -20.17 -9.34 29.38
C ASN B 118 -19.49 -10.70 29.49
N ASP B 119 -18.57 -11.02 28.57
CA ASP B 119 -18.03 -12.39 28.38
C ASP B 119 -16.63 -12.55 29.00
N THR B 120 -15.96 -11.47 29.45
CA THR B 120 -14.60 -11.52 30.05
C THR B 120 -14.73 -11.36 31.57
N GLU B 121 -14.55 -12.48 32.28
CA GLU B 121 -14.65 -12.51 33.75
C GLU B 121 -13.45 -11.72 34.28
N GLY B 122 -13.63 -11.00 35.37
CA GLY B 122 -12.56 -10.16 35.95
C GLY B 122 -12.39 -8.87 35.17
N LEU B 123 -13.23 -8.61 34.17
CA LEU B 123 -13.27 -7.31 33.45
C LEU B 123 -14.68 -6.72 33.51
N ASP B 124 -14.86 -5.66 34.26
CA ASP B 124 -16.20 -5.07 34.54
C ASP B 124 -16.23 -3.64 34.03
N PHE B 125 -17.31 -3.29 33.38
CA PHE B 125 -17.60 -1.95 32.86
C PHE B 125 -18.53 -1.23 33.81
N PHE B 126 -18.20 0.02 34.12
CA PHE B 126 -19.08 0.94 34.90
C PHE B 126 -19.39 2.14 34.03
N LEU B 127 -20.68 2.44 33.90
CA LEU B 127 -21.16 3.63 33.16
C LEU B 127 -21.20 4.85 34.09
N GLY B 128 -20.62 5.93 33.59
CA GLY B 128 -20.68 7.25 34.26
C GLY B 128 -19.33 7.95 34.20
N TRP B 129 -19.17 8.96 35.03
CA TRP B 129 -18.01 9.88 35.04
C TRP B 129 -17.07 9.50 36.17
N GLY B 130 -15.86 9.09 35.81
CA GLY B 130 -14.83 8.63 36.75
C GLY B 130 -14.05 9.84 37.22
N SER B 131 -13.74 9.89 38.50
CA SER B 131 -12.84 10.90 39.09
C SER B 131 -12.12 10.29 40.28
N LEU B 132 -11.07 10.97 40.77
CA LEU B 132 -10.28 10.47 41.91
C LEU B 132 -10.85 11.05 43.22
N GLU B 133 -11.31 10.17 44.09
CA GLU B 133 -11.76 10.53 45.46
C GLU B 133 -10.52 10.57 46.33
N SER B 134 -9.72 9.50 46.28
CA SER B 134 -8.44 9.34 47.01
C SER B 134 -7.48 8.50 46.14
N LYS B 135 -6.26 8.26 46.61
CA LYS B 135 -5.19 7.65 45.76
C LYS B 135 -5.55 6.19 45.45
N ASN B 136 -6.49 5.60 46.21
CA ASN B 136 -6.92 4.20 45.99
C ASN B 136 -8.44 4.15 45.83
N VAL B 137 -9.10 5.26 45.55
CA VAL B 137 -10.56 5.20 45.31
C VAL B 137 -10.95 6.02 44.08
N VAL B 138 -11.65 5.37 43.14
CA VAL B 138 -12.26 6.07 41.99
C VAL B 138 -13.75 6.18 42.24
N VAL B 139 -14.28 7.38 42.17
CA VAL B 139 -15.73 7.62 42.26
C VAL B 139 -16.31 7.74 40.85
N VAL B 140 -17.43 7.05 40.61
CA VAL B 140 -18.18 7.12 39.33
C VAL B 140 -19.46 7.88 39.65
N ARG B 141 -19.66 9.02 38.99
CA ARG B 141 -20.81 9.92 39.24
C ARG B 141 -21.69 10.00 38.01
N GLU B 142 -22.88 10.58 38.21
CA GLU B 142 -23.91 10.63 37.16
C GLU B 142 -23.44 11.50 36.00
N THR B 143 -22.79 12.61 36.31
CA THR B 143 -22.38 13.65 35.32
C THR B 143 -20.96 14.08 35.65
N ALA B 144 -20.41 14.93 34.79
CA ALA B 144 -19.08 15.56 34.89
C ALA B 144 -19.02 16.51 36.11
N ASP B 145 -20.17 17.00 36.58
CA ASP B 145 -20.25 17.84 37.80
C ASP B 145 -19.91 16.97 39.02
N PRO B 146 -18.89 17.31 39.83
CA PRO B 146 -18.49 16.47 40.96
C PRO B 146 -19.51 16.41 42.12
N LYS B 147 -20.56 17.26 42.07
CA LYS B 147 -21.68 17.28 43.04
C LYS B 147 -22.79 16.36 42.54
N SER B 148 -22.69 15.84 41.31
CA SER B 148 -23.70 14.87 40.79
C SER B 148 -23.66 13.60 41.65
N ALA B 149 -24.71 12.79 41.55
CA ALA B 149 -24.96 11.57 42.35
C ALA B 149 -23.88 10.50 42.14
N VAL B 150 -23.44 9.85 43.22
CA VAL B 150 -22.46 8.74 43.17
C VAL B 150 -23.18 7.48 42.70
N LYS B 151 -22.64 6.82 41.67
CA LYS B 151 -23.14 5.50 41.19
C LYS B 151 -22.27 4.41 41.80
N GLU B 152 -20.96 4.63 41.88
CA GLU B 152 -20.03 3.60 42.36
C GLU B 152 -18.87 4.25 43.10
N ARG B 153 -18.34 3.55 44.07
CA ARG B 153 -17.00 3.86 44.62
C ARG B 153 -16.16 2.59 44.46
N LEU B 154 -15.08 2.69 43.69
CA LEU B 154 -14.22 1.56 43.30
C LEU B 154 -12.89 1.71 44.03
N GLN B 155 -12.60 0.75 44.91
CA GLN B 155 -11.32 0.60 45.62
C GLN B 155 -10.33 0.00 44.60
N ALA B 156 -9.18 0.63 44.46
CA ALA B 156 -8.20 0.33 43.41
C ALA B 156 -6.81 0.29 44.03
N ASP B 157 -6.11 -0.84 43.88
CA ASP B 157 -4.66 -0.93 44.16
C ASP B 157 -3.98 0.03 43.18
N HIS B 158 -4.42 -0.03 41.93
CA HIS B 158 -3.77 0.68 40.81
C HIS B 158 -4.85 1.44 40.04
N ILE B 159 -4.55 2.68 39.65
CA ILE B 159 -5.47 3.53 38.85
C ILE B 159 -4.78 3.95 37.55
N LEU B 160 -5.46 3.73 36.41
CA LEU B 160 -4.99 4.21 35.08
C LEU B 160 -5.89 5.33 34.58
N LEU B 161 -5.29 6.48 34.29
CA LEU B 161 -5.97 7.64 33.70
C LEU B 161 -5.83 7.51 32.18
N ALA B 162 -6.94 7.35 31.49
CA ALA B 162 -6.91 7.08 30.03
C ALA B 162 -8.11 7.76 29.40
N THR B 163 -8.31 9.04 29.72
CA THR B 163 -9.52 9.80 29.31
C THR B 163 -9.36 10.52 27.97
N GLY B 164 -8.21 10.38 27.31
CA GLY B 164 -8.03 10.92 25.97
C GLY B 164 -7.99 12.44 25.98
N SER B 165 -8.36 13.00 24.84
CA SER B 165 -8.33 14.44 24.56
C SER B 165 -9.69 14.89 24.04
N TRP B 166 -9.81 16.18 23.77
CA TRP B 166 -11.07 16.86 23.46
C TRP B 166 -10.75 18.03 22.54
N PRO B 167 -11.63 18.40 21.60
CA PRO B 167 -11.33 19.48 20.66
C PRO B 167 -11.15 20.78 21.44
N GLN B 168 -10.17 21.56 21.01
CA GLN B 168 -9.89 22.92 21.49
C GLN B 168 -10.74 23.88 20.70
N MET B 169 -11.46 24.78 21.35
CA MET B 169 -12.28 25.80 20.64
C MET B 169 -11.74 27.17 21.04
N PRO B 170 -11.40 28.04 20.06
CA PRO B 170 -10.84 29.34 20.39
C PRO B 170 -11.94 30.22 20.99
N ALA B 171 -11.59 30.97 22.02
CA ALA B 171 -12.52 31.88 22.74
C ALA B 171 -12.71 33.13 21.88
N ILE B 172 -13.46 33.01 20.78
CA ILE B 172 -13.78 34.13 19.87
C ILE B 172 -15.29 34.36 19.92
N PRO B 173 -15.74 35.58 19.56
CA PRO B 173 -17.16 35.87 19.47
C PRO B 173 -17.82 34.98 18.40
N GLY B 174 -18.93 34.35 18.79
CA GLY B 174 -19.71 33.45 17.91
C GLY B 174 -19.10 32.04 17.86
N ILE B 175 -18.19 31.72 18.79
CA ILE B 175 -17.64 30.33 18.90
C ILE B 175 -18.81 29.33 18.93
N GLU B 176 -19.95 29.71 19.53
CA GLU B 176 -21.16 28.84 19.66
C GLU B 176 -21.76 28.48 18.29
N HIS B 177 -21.47 29.23 17.23
CA HIS B 177 -21.99 28.98 15.85
C HIS B 177 -21.06 28.01 15.10
N CYS B 178 -19.94 27.64 15.73
CA CYS B 178 -18.94 26.69 15.16
C CYS B 178 -19.12 25.31 15.79
N ILE B 179 -18.59 24.30 15.10
CA ILE B 179 -18.56 22.89 15.59
C ILE B 179 -17.12 22.40 15.60
N SER B 180 -16.92 21.20 16.10
CA SER B 180 -15.62 20.48 16.04
C SER B 180 -15.82 19.22 15.19
N SER B 181 -14.81 18.39 15.13
CA SER B 181 -14.92 17.09 14.41
C SER B 181 -16.07 16.27 15.02
N ASN B 182 -16.33 16.38 16.33
CA ASN B 182 -17.35 15.57 17.03
C ASN B 182 -18.67 15.74 16.27
N GLU B 183 -19.08 16.98 16.05
CA GLU B 183 -20.39 17.31 15.45
C GLU B 183 -20.35 16.99 13.95
N ALA B 184 -19.19 17.13 13.31
CA ALA B 184 -19.06 16.91 11.86
C ALA B 184 -19.52 15.48 11.53
N PHE B 185 -19.26 14.55 12.43
CA PHE B 185 -19.62 13.13 12.23
C PHE B 185 -21.13 12.94 12.27
N TYR B 186 -21.90 13.97 12.66
CA TYR B 186 -23.37 13.82 12.82
C TYR B 186 -24.16 14.84 12.03
N LEU B 187 -23.50 15.63 11.20
CA LEU B 187 -24.20 16.58 10.31
C LEU B 187 -25.22 15.78 9.50
N PRO B 188 -26.53 16.15 9.56
CA PRO B 188 -27.56 15.33 8.91
C PRO B 188 -27.52 15.47 7.39
N GLU B 189 -27.00 16.58 6.91
CA GLU B 189 -26.90 16.99 5.50
C GLU B 189 -25.46 17.46 5.26
N PRO B 190 -24.92 17.25 4.05
CA PRO B 190 -23.57 17.70 3.73
C PRO B 190 -23.59 19.20 3.50
N PRO B 191 -22.68 19.98 4.14
CA PRO B 191 -22.64 21.42 3.90
C PRO B 191 -22.26 21.80 2.48
N ARG B 192 -22.97 22.80 1.91
CA ARG B 192 -22.70 23.32 0.56
C ARG B 192 -21.38 24.10 0.63
N ARG B 193 -21.23 24.90 1.67
CA ARG B 193 -20.02 25.71 1.93
C ARG B 193 -19.55 25.38 3.33
N VAL B 194 -18.27 25.01 3.45
CA VAL B 194 -17.72 24.75 4.78
C VAL B 194 -16.32 25.37 4.85
N LEU B 195 -16.03 25.87 6.02
CA LEU B 195 -14.66 26.32 6.39
C LEU B 195 -14.14 25.34 7.43
N THR B 196 -13.04 24.67 7.12
CA THR B 196 -12.31 23.90 8.13
C THR B 196 -11.18 24.80 8.60
N VAL B 197 -11.12 25.02 9.89
CA VAL B 197 -10.13 25.89 10.57
C VAL B 197 -9.07 24.99 11.17
N GLY B 198 -7.85 25.12 10.64
CA GLY B 198 -6.68 24.39 11.13
C GLY B 198 -5.91 23.82 9.99
N GLY B 199 -4.63 23.59 10.21
CA GLY B 199 -3.72 23.02 9.20
C GLY B 199 -3.28 21.62 9.52
N GLY B 200 -3.84 20.97 10.54
CA GLY B 200 -3.47 19.62 10.97
C GLY B 200 -4.23 18.55 10.20
N PHE B 201 -4.01 17.29 10.55
CA PHE B 201 -4.59 16.17 9.78
C PHE B 201 -6.12 16.23 9.82
N ILE B 202 -6.69 16.61 10.94
CA ILE B 202 -8.17 16.53 11.09
C ILE B 202 -8.79 17.54 10.12
N SER B 203 -8.30 18.79 10.10
CA SER B 203 -8.79 19.81 9.16
C SER B 203 -8.64 19.35 7.70
N VAL B 204 -7.47 18.85 7.36
CA VAL B 204 -7.16 18.45 5.98
C VAL B 204 -8.03 17.24 5.62
N GLU B 205 -8.17 16.26 6.52
CA GLU B 205 -8.98 15.06 6.19
C GLU B 205 -10.45 15.45 6.00
N PHE B 206 -11.00 16.23 6.91
CA PHE B 206 -12.41 16.67 6.76
C PHE B 206 -12.59 17.58 5.55
N ALA B 207 -11.60 18.38 5.17
CA ALA B 207 -11.72 19.19 3.94
C ALA B 207 -11.94 18.25 2.74
N GLY B 208 -11.20 17.13 2.67
CA GLY B 208 -11.39 16.18 1.57
C GLY B 208 -12.75 15.51 1.63
N ILE B 209 -13.21 15.13 2.84
CA ILE B 209 -14.53 14.46 3.01
C ILE B 209 -15.65 15.39 2.50
N PHE B 210 -15.70 16.62 3.03
CA PHE B 210 -16.73 17.62 2.68
C PHE B 210 -16.61 18.02 1.20
N ASN B 211 -15.42 18.03 0.65
CA ASN B 211 -15.21 18.37 -0.79
C ASN B 211 -15.89 17.33 -1.69
N ALA B 212 -15.85 16.05 -1.33
CA ALA B 212 -16.47 15.00 -2.16
C ALA B 212 -18.00 15.04 -2.07
N TYR B 213 -18.57 15.26 -0.89
CA TYR B 213 -20.03 15.08 -0.61
C TYR B 213 -20.74 16.43 -0.77
N LYS B 214 -20.02 17.51 -1.09
CA LYS B 214 -20.70 18.82 -1.12
C LYS B 214 -21.79 18.78 -2.20
N PRO B 215 -22.96 19.38 -1.94
CA PRO B 215 -23.98 19.49 -2.97
C PRO B 215 -23.52 20.40 -4.11
N PRO B 216 -24.26 20.40 -5.24
CA PRO B 216 -23.92 21.24 -6.40
C PRO B 216 -23.69 22.71 -6.04
N GLY B 217 -22.68 23.31 -6.68
CA GLY B 217 -22.26 24.70 -6.44
C GLY B 217 -21.59 24.87 -5.08
N GLY B 218 -21.12 23.79 -4.47
CA GLY B 218 -20.57 23.88 -3.11
C GLY B 218 -19.12 24.29 -3.16
N LYS B 219 -18.56 24.61 -2.00
CA LYS B 219 -17.15 25.06 -1.92
C LYS B 219 -16.63 24.74 -0.51
N VAL B 220 -15.47 24.09 -0.45
CA VAL B 220 -14.75 23.84 0.81
C VAL B 220 -13.55 24.78 0.86
N THR B 221 -13.44 25.45 1.98
CA THR B 221 -12.30 26.33 2.32
C THR B 221 -11.66 25.79 3.58
N LEU B 222 -10.34 25.70 3.53
CA LEU B 222 -9.49 25.39 4.70
C LEU B 222 -8.68 26.65 5.02
N CYS B 223 -8.68 27.07 6.28
CA CYS B 223 -7.84 28.20 6.73
C CYS B 223 -6.84 27.73 7.80
N TYR B 224 -5.67 28.34 7.74
CA TYR B 224 -4.57 28.04 8.66
C TYR B 224 -3.79 29.32 8.94
N ARG B 225 -3.46 29.54 10.20
CA ARG B 225 -2.77 30.75 10.71
C ARG B 225 -1.39 30.87 10.07
N ASN B 226 -0.66 29.77 9.91
CA ASN B 226 0.74 29.79 9.45
C ASN B 226 0.76 29.68 7.93
N ASN B 227 1.95 29.65 7.35
CA ASN B 227 2.17 29.84 5.90
C ASN B 227 1.95 28.54 5.13
N LEU B 228 1.93 27.38 5.78
CA LEU B 228 1.97 26.09 5.05
C LEU B 228 1.36 25.02 5.95
N ILE B 229 0.28 24.38 5.49
CA ILE B 229 -0.43 23.35 6.30
C ILE B 229 0.52 22.22 6.67
N LEU B 230 0.08 21.44 7.65
CA LEU B 230 0.66 20.16 8.11
C LEU B 230 2.07 20.36 8.61
N ARG B 231 2.25 21.29 9.54
N ARG B 231 2.25 21.31 9.55
CA ARG B 231 3.52 21.39 10.30
CA ARG B 231 3.43 21.39 10.45
C ARG B 231 3.81 20.05 10.98
C ARG B 231 3.79 20.00 10.96
N GLY B 232 5.08 19.66 10.98
CA GLY B 232 5.56 18.40 11.57
C GLY B 232 5.79 17.38 10.48
N PHE B 233 5.20 17.56 9.30
CA PHE B 233 5.36 16.68 8.12
C PHE B 233 6.47 17.22 7.24
N ASP B 234 6.95 16.33 6.38
CA ASP B 234 7.96 16.66 5.36
C ASP B 234 7.52 17.88 4.55
N GLU B 235 8.45 18.79 4.32
CA GLU B 235 8.07 20.10 3.73
C GLU B 235 7.68 19.93 2.26
N THR B 236 8.38 19.09 1.50
CA THR B 236 8.00 18.82 0.09
C THR B 236 6.56 18.31 0.06
N ILE B 237 6.23 17.42 0.98
CA ILE B 237 4.87 16.84 1.03
C ILE B 237 3.86 17.91 1.46
N ARG B 238 4.21 18.81 2.38
CA ARG B 238 3.29 19.90 2.79
C ARG B 238 2.96 20.75 1.57
N GLU B 239 3.96 21.04 0.75
CA GLU B 239 3.78 21.89 -0.45
C GLU B 239 2.93 21.13 -1.46
N GLU B 240 3.24 19.87 -1.71
CA GLU B 240 2.54 19.07 -2.77
C GLU B 240 1.11 18.79 -2.35
N VAL B 241 0.87 18.46 -1.08
CA VAL B 241 -0.54 18.17 -0.67
C VAL B 241 -1.35 19.46 -0.77
N THR B 242 -0.79 20.63 -0.40
CA THR B 242 -1.46 21.94 -0.68
C THR B 242 -1.87 22.05 -2.15
N LYS B 243 -0.97 21.76 -3.08
CA LYS B 243 -1.23 21.88 -4.54
C LYS B 243 -2.33 20.90 -4.96
N GLN B 244 -2.29 19.70 -4.39
CA GLN B 244 -3.19 18.63 -4.85
C GLN B 244 -4.58 18.86 -4.27
N LEU B 245 -4.70 19.39 -3.05
CA LEU B 245 -6.01 19.78 -2.50
C LEU B 245 -6.62 20.90 -3.36
N THR B 246 -5.81 21.91 -3.65
CA THR B 246 -6.23 23.05 -4.50
C THR B 246 -6.72 22.53 -5.85
N ALA B 247 -5.98 21.61 -6.46
CA ALA B 247 -6.31 21.08 -7.79
C ALA B 247 -7.68 20.35 -7.75
N ASN B 248 -8.08 19.85 -6.59
CA ASN B 248 -9.37 19.14 -6.44
C ASN B 248 -10.47 20.08 -5.94
N GLY B 249 -10.21 21.39 -5.93
CA GLY B 249 -11.27 22.40 -5.76
C GLY B 249 -11.39 22.96 -4.36
N ILE B 250 -10.45 22.62 -3.48
CA ILE B 250 -10.44 23.13 -2.08
C ILE B 250 -9.65 24.45 -2.06
N GLU B 251 -10.21 25.47 -1.41
CA GLU B 251 -9.54 26.79 -1.27
C GLU B 251 -8.72 26.76 0.01
N ILE B 252 -7.40 26.82 -0.11
CA ILE B 252 -6.46 26.81 1.05
C ILE B 252 -6.13 28.26 1.33
N MET B 253 -6.62 28.76 2.47
CA MET B 253 -6.38 30.14 2.97
C MET B 253 -5.32 30.11 4.07
N THR B 254 -4.04 30.16 3.72
CA THR B 254 -2.96 30.19 4.75
C THR B 254 -2.74 31.63 5.20
N ASN B 255 -2.13 31.80 6.37
CA ASN B 255 -1.92 33.12 7.03
C ASN B 255 -3.27 33.77 7.33
N GLU B 256 -4.31 32.97 7.61
CA GLU B 256 -5.67 33.48 7.92
C GLU B 256 -6.19 32.75 9.15
N ASN B 257 -6.89 33.48 10.03
CA ASN B 257 -7.54 32.86 11.21
C ASN B 257 -8.86 33.59 11.47
N PRO B 258 -9.97 32.88 11.85
CA PRO B 258 -11.22 33.54 12.21
C PRO B 258 -11.05 34.45 13.44
N ALA B 259 -11.61 35.66 13.39
CA ALA B 259 -11.65 36.64 14.50
C ALA B 259 -13.02 36.56 15.21
N LYS B 260 -14.08 36.32 14.43
CA LYS B 260 -15.44 36.09 14.98
C LYS B 260 -16.35 35.48 13.91
N VAL B 261 -17.48 34.97 14.36
CA VAL B 261 -18.55 34.44 13.49
C VAL B 261 -19.88 35.04 13.97
N SER B 262 -20.72 35.43 13.04
CA SER B 262 -22.11 35.88 13.29
C SER B 262 -23.02 35.12 12.32
N LEU B 263 -24.33 35.13 12.58
CA LEU B 263 -25.34 34.53 11.67
C LEU B 263 -25.85 35.58 10.69
N ASN B 264 -25.64 35.39 9.39
CA ASN B 264 -26.47 35.97 8.30
C ASN B 264 -27.95 35.65 8.59
N THR B 265 -28.88 36.39 7.98
CA THR B 265 -30.33 36.34 8.35
C THR B 265 -30.91 34.98 7.95
N ASP B 266 -30.32 34.29 6.97
CA ASP B 266 -30.72 32.94 6.48
C ASP B 266 -30.12 31.81 7.33
N GLY B 267 -29.41 32.14 8.43
CA GLY B 267 -28.85 31.13 9.37
C GLY B 267 -27.45 30.65 8.98
N SER B 268 -26.97 30.95 7.78
CA SER B 268 -25.56 30.69 7.36
C SER B 268 -24.60 31.48 8.26
N LYS B 269 -23.31 31.14 8.20
CA LYS B 269 -22.28 31.69 9.12
C LYS B 269 -21.47 32.74 8.37
N HIS B 270 -21.39 33.91 8.98
CA HIS B 270 -20.61 35.06 8.47
C HIS B 270 -19.27 35.09 9.21
N VAL B 271 -18.20 34.70 8.54
CA VAL B 271 -16.85 34.60 9.16
C VAL B 271 -16.09 35.87 8.80
N THR B 272 -15.55 36.51 9.84
CA THR B 272 -14.56 37.61 9.70
C THR B 272 -13.22 37.07 10.18
N PHE B 273 -12.25 37.09 9.27
CA PHE B 273 -10.83 36.71 9.51
C PHE B 273 -10.10 37.94 10.07
N GLU B 274 -9.05 37.70 10.84
CA GLU B 274 -8.11 38.73 11.35
C GLU B 274 -7.70 39.69 10.22
N SER B 275 -7.55 39.20 8.98
CA SER B 275 -7.12 40.01 7.81
C SER B 275 -8.24 40.93 7.27
N GLY B 276 -9.45 40.89 7.85
CA GLY B 276 -10.63 41.60 7.33
C GLY B 276 -11.21 40.95 6.07
N LYS B 277 -10.75 39.75 5.72
CA LYS B 277 -11.46 38.93 4.70
C LYS B 277 -12.75 38.44 5.36
N THR B 278 -13.76 38.18 4.53
CA THR B 278 -15.06 37.63 4.95
C THR B 278 -15.35 36.41 4.11
N LEU B 279 -16.09 35.49 4.71
CA LEU B 279 -16.52 34.23 4.07
C LEU B 279 -17.87 33.87 4.68
N ASP B 280 -18.82 33.60 3.81
CA ASP B 280 -20.12 33.02 4.23
C ASP B 280 -20.06 31.50 4.00
N VAL B 281 -20.37 30.73 5.03
CA VAL B 281 -20.38 29.26 4.92
C VAL B 281 -21.61 28.73 5.66
N ASP B 282 -21.93 27.46 5.45
CA ASP B 282 -23.01 26.73 6.14
C ASP B 282 -22.46 26.10 7.42
N VAL B 283 -21.19 25.71 7.42
CA VAL B 283 -20.53 25.11 8.61
C VAL B 283 -19.15 25.74 8.77
N VAL B 284 -18.78 25.95 10.02
CA VAL B 284 -17.42 26.30 10.51
C VAL B 284 -16.97 25.18 11.43
N MET B 285 -16.01 24.39 10.97
CA MET B 285 -15.47 23.24 11.76
C MET B 285 -14.09 23.62 12.28
N MET B 286 -14.00 23.83 13.59
CA MET B 286 -12.74 24.15 14.28
C MET B 286 -11.95 22.86 14.48
N ALA B 287 -10.76 22.78 13.90
CA ALA B 287 -9.81 21.66 14.12
C ALA B 287 -8.43 22.26 14.38
N ILE B 288 -8.34 23.09 15.41
CA ILE B 288 -7.08 23.81 15.76
C ILE B 288 -6.30 23.08 16.85
N GLY B 289 -6.78 21.98 17.40
CA GLY B 289 -6.02 21.32 18.47
C GLY B 289 -6.87 20.42 19.33
N ARG B 290 -6.23 19.51 20.01
CA ARG B 290 -6.91 18.63 20.97
C ARG B 290 -6.21 18.79 22.30
N ILE B 291 -6.97 18.89 23.38
CA ILE B 291 -6.35 19.09 24.71
C ILE B 291 -6.71 17.92 25.63
N PRO B 292 -5.78 17.55 26.53
CA PRO B 292 -5.97 16.40 27.40
C PRO B 292 -7.20 16.59 28.29
N ARG B 293 -7.98 15.53 28.50
CA ARG B 293 -9.24 15.64 29.26
C ARG B 293 -8.98 15.32 30.72
N THR B 294 -8.52 16.31 31.47
CA THR B 294 -8.15 16.13 32.90
C THR B 294 -9.07 16.93 33.86
N ASN B 295 -9.76 17.94 33.36
CA ASN B 295 -10.68 18.79 34.17
C ASN B 295 -11.56 17.91 35.07
N ASP B 296 -12.25 16.94 34.47
CA ASP B 296 -13.32 16.19 35.18
C ASP B 296 -12.76 15.18 36.16
N LEU B 297 -11.45 14.91 36.16
CA LEU B 297 -10.88 13.82 36.96
C LEU B 297 -10.68 14.23 38.44
N GLN B 298 -10.81 15.51 38.79
CA GLN B 298 -10.63 16.02 40.19
C GLN B 298 -9.26 15.58 40.71
N LEU B 299 -8.21 15.72 39.88
CA LEU B 299 -6.87 15.20 40.22
C LEU B 299 -6.32 15.98 41.41
N GLY B 300 -6.84 17.17 41.70
CA GLY B 300 -6.51 17.91 42.95
C GLY B 300 -6.83 17.11 44.21
N ASN B 301 -7.71 16.12 44.14
CA ASN B 301 -8.03 15.24 45.29
C ASN B 301 -6.82 14.39 45.65
N VAL B 302 -5.90 14.19 44.71
CA VAL B 302 -4.79 13.23 44.97
C VAL B 302 -3.43 13.88 44.71
N GLY B 303 -3.35 15.05 44.08
CA GLY B 303 -2.10 15.76 43.81
C GLY B 303 -1.30 15.17 42.68
N VAL B 304 -1.97 14.60 41.68
CA VAL B 304 -1.30 14.16 40.41
C VAL B 304 -0.81 15.41 39.67
N LYS B 305 0.44 15.37 39.26
CA LYS B 305 1.06 16.53 38.63
C LYS B 305 0.59 16.65 37.18
N LEU B 306 0.04 17.81 36.83
CA LEU B 306 -0.33 18.19 35.44
C LEU B 306 0.64 19.24 34.92
N THR B 307 0.77 19.34 33.60
CA THR B 307 1.46 20.47 32.93
C THR B 307 0.49 21.65 32.93
N PRO B 308 0.98 22.90 32.80
CA PRO B 308 0.11 24.05 32.62
C PRO B 308 -0.96 23.89 31.52
N LYS B 309 -0.61 23.18 30.44
CA LYS B 309 -1.52 22.73 29.33
C LYS B 309 -2.65 21.82 29.84
N GLY B 310 -2.46 21.10 30.95
CA GLY B 310 -3.45 20.17 31.53
C GLY B 310 -3.15 18.71 31.23
N GLY B 311 -1.97 18.38 30.69
CA GLY B 311 -1.61 16.98 30.44
C GLY B 311 -1.16 16.33 31.71
N VAL B 312 -1.33 15.02 31.83
CA VAL B 312 -0.77 14.31 33.00
C VAL B 312 0.71 14.07 32.74
N GLN B 313 1.57 14.54 33.66
CA GLN B 313 3.02 14.30 33.53
C GLN B 313 3.30 12.83 33.86
N VAL B 314 4.12 12.21 33.06
CA VAL B 314 4.47 10.78 33.22
C VAL B 314 5.96 10.60 32.96
N ASP B 315 6.54 9.60 33.61
CA ASP B 315 7.90 9.11 33.26
C ASP B 315 7.74 8.22 32.01
N GLU B 316 8.82 7.56 31.59
CA GLU B 316 8.84 6.70 30.39
C GLU B 316 7.99 5.44 30.62
N PHE B 317 7.68 5.12 31.88
CA PHE B 317 6.89 3.92 32.23
C PHE B 317 5.43 4.32 32.53
N SER B 318 5.04 5.55 32.17
CA SER B 318 3.63 6.04 32.27
C SER B 318 3.25 6.26 33.76
N ARG B 319 4.25 6.45 34.63
CA ARG B 319 4.00 6.64 36.08
C ARG B 319 3.84 8.13 36.37
N THR B 320 2.77 8.50 37.08
CA THR B 320 2.57 9.88 37.57
C THR B 320 3.48 10.04 38.81
N ASN B 321 3.45 11.20 39.43
CA ASN B 321 4.15 11.48 40.72
C ASN B 321 3.48 10.71 41.85
N VAL B 322 2.30 10.10 41.65
CA VAL B 322 1.61 9.34 42.75
C VAL B 322 1.78 7.85 42.49
N PRO B 323 2.36 7.08 43.43
CA PRO B 323 2.58 5.66 43.21
C PRO B 323 1.22 4.99 42.98
N ASN B 324 1.17 4.01 42.09
CA ASN B 324 -0.09 3.27 41.81
C ASN B 324 -1.03 4.11 40.93
N ILE B 325 -0.68 5.33 40.51
CA ILE B 325 -1.52 6.08 39.51
C ILE B 325 -0.68 6.33 38.26
N TYR B 326 -1.19 5.89 37.11
CA TYR B 326 -0.52 5.91 35.79
C TYR B 326 -1.39 6.67 34.81
N ALA B 327 -0.81 7.08 33.69
CA ALA B 327 -1.59 7.75 32.62
C ALA B 327 -0.99 7.31 31.30
N ILE B 328 -1.85 6.99 30.35
CA ILE B 328 -1.41 6.65 28.97
C ILE B 328 -2.27 7.39 27.96
N GLY B 329 -1.83 7.39 26.72
CA GLY B 329 -2.61 7.91 25.59
C GLY B 329 -2.64 9.43 25.60
N ASP B 330 -3.67 9.97 24.99
CA ASP B 330 -3.70 11.40 24.64
C ASP B 330 -3.59 12.21 25.95
N ILE B 331 -4.15 11.72 27.05
CA ILE B 331 -4.14 12.50 28.33
C ILE B 331 -2.71 12.96 28.66
N THR B 332 -1.68 12.28 28.13
CA THR B 332 -0.25 12.57 28.39
C THR B 332 0.26 13.63 27.41
N ASP B 333 -0.52 13.99 26.40
CA ASP B 333 -0.28 15.14 25.49
C ASP B 333 1.07 15.03 24.82
N ARG B 334 1.33 13.86 24.25
CA ARG B 334 2.56 13.61 23.47
C ARG B 334 2.12 13.29 22.03
N LEU B 335 2.22 12.02 21.64
CA LEU B 335 1.85 11.52 20.29
C LEU B 335 0.40 11.03 20.32
N MET B 336 -0.53 11.80 19.74
CA MET B 336 -1.97 11.50 19.89
C MET B 336 -2.41 10.54 18.78
N LEU B 337 -2.00 9.27 18.92
CA LEU B 337 -2.32 8.18 17.96
C LEU B 337 -2.87 6.98 18.73
N THR B 338 -3.79 6.24 18.11
CA THR B 338 -4.40 5.08 18.79
C THR B 338 -3.32 4.02 19.06
N PRO B 339 -2.48 3.64 18.07
CA PRO B 339 -1.54 2.54 18.28
C PRO B 339 -0.52 2.87 19.36
N VAL B 340 -0.21 4.15 19.51
CA VAL B 340 0.71 4.59 20.59
C VAL B 340 0.02 4.40 21.95
N ALA B 341 -1.22 4.85 22.09
CA ALA B 341 -1.99 4.64 23.33
C ALA B 341 -2.02 3.15 23.66
N ILE B 342 -2.24 2.31 22.66
CA ILE B 342 -2.37 0.84 22.85
C ILE B 342 -1.01 0.28 23.33
N ASN B 343 0.05 0.72 22.67
CA ASN B 343 1.42 0.26 23.01
C ASN B 343 1.71 0.65 24.45
N GLU B 344 1.41 1.89 24.85
CA GLU B 344 1.69 2.40 26.21
C GLU B 344 0.88 1.56 27.23
N GLY B 345 -0.39 1.25 26.95
CA GLY B 345 -1.22 0.44 27.87
C GLY B 345 -0.64 -0.95 28.08
N ALA B 346 -0.24 -1.60 27.00
CA ALA B 346 0.34 -2.96 27.04
C ALA B 346 1.67 -2.91 27.82
N ALA B 347 2.50 -1.89 27.57
CA ALA B 347 3.82 -1.77 28.24
C ALA B 347 3.62 -1.54 29.73
N LEU B 348 2.61 -0.73 30.09
CA LEU B 348 2.31 -0.43 31.50
C LEU B 348 1.93 -1.70 32.23
N VAL B 349 1.01 -2.47 31.67
CA VAL B 349 0.49 -3.71 32.32
C VAL B 349 1.60 -4.77 32.40
N ASP B 350 2.42 -4.89 31.35
CA ASP B 350 3.55 -5.86 31.40
C ASP B 350 4.46 -5.47 32.57
N THR B 351 4.76 -4.18 32.67
CA THR B 351 5.70 -3.66 33.67
C THR B 351 5.13 -3.88 35.07
N VAL B 352 3.88 -3.43 35.29
CA VAL B 352 3.32 -3.33 36.66
C VAL B 352 2.88 -4.71 37.10
N PHE B 353 2.12 -5.43 36.26
CA PHE B 353 1.48 -6.70 36.67
C PHE B 353 2.35 -7.88 36.24
N GLY B 354 3.16 -7.75 35.18
CA GLY B 354 4.01 -8.87 34.72
C GLY B 354 5.43 -8.82 35.25
N ASN B 355 5.85 -7.72 35.87
CA ASN B 355 7.26 -7.44 36.24
C ASN B 355 8.12 -7.71 35.00
N LYS B 356 7.64 -7.25 33.84
CA LYS B 356 8.32 -7.40 32.54
C LYS B 356 8.58 -6.01 32.05
N PRO B 357 9.59 -5.33 32.62
CA PRO B 357 9.74 -3.90 32.44
C PRO B 357 9.91 -3.54 30.96
N ARG B 358 9.06 -2.65 30.49
CA ARG B 358 9.01 -2.24 29.08
C ARG B 358 8.43 -0.83 28.99
N LYS B 359 9.09 0.01 28.20
CA LYS B 359 8.61 1.37 27.91
C LYS B 359 8.36 1.50 26.41
N THR B 360 7.37 2.30 26.07
CA THR B 360 6.97 2.53 24.68
C THR B 360 8.07 3.35 24.00
N ASP B 361 8.43 2.97 22.79
CA ASP B 361 9.37 3.79 21.97
C ASP B 361 8.53 4.78 21.18
N HIS B 362 8.64 6.08 21.48
CA HIS B 362 7.85 7.15 20.80
C HIS B 362 8.59 7.66 19.56
N THR B 363 9.75 7.07 19.24
CA THR B 363 10.51 7.41 18.02
C THR B 363 10.08 6.42 16.95
N ARG B 364 10.22 6.84 15.69
CA ARG B 364 10.13 5.93 14.52
C ARG B 364 8.75 5.25 14.49
N VAL B 365 7.75 6.02 14.89
CA VAL B 365 6.33 5.58 14.86
C VAL B 365 5.80 5.94 13.47
N ALA B 366 5.36 4.93 12.74
CA ALA B 366 4.72 5.11 11.43
C ALA B 366 3.33 5.71 11.67
N SER B 367 2.95 6.68 10.85
CA SER B 367 1.64 7.35 10.92
C SER B 367 1.20 7.72 9.52
N ALA B 368 -0.03 8.19 9.41
CA ALA B 368 -0.63 8.50 8.12
C ALA B 368 -1.52 9.74 8.26
N VAL B 369 -1.70 10.40 7.13
CA VAL B 369 -2.79 11.40 6.97
C VAL B 369 -3.67 10.88 5.84
N PHE B 370 -4.95 10.70 6.12
CA PHE B 370 -5.86 10.21 5.06
C PHE B 370 -6.42 11.40 4.32
N SER B 371 -5.50 12.22 3.85
CA SER B 371 -5.82 13.27 2.88
C SER B 371 -6.06 12.54 1.55
N ILE B 372 -6.49 13.28 0.58
CA ILE B 372 -6.66 12.78 -0.80
C ILE B 372 -5.78 13.68 -1.67
N PRO B 373 -4.63 13.15 -2.12
CA PRO B 373 -4.16 11.82 -1.73
C PRO B 373 -3.46 11.78 -0.38
N PRO B 374 -3.21 10.57 0.16
CA PRO B 374 -2.77 10.42 1.55
C PRO B 374 -1.26 10.50 1.75
N ILE B 375 -0.89 10.57 3.02
CA ILE B 375 0.52 10.67 3.47
C ILE B 375 0.83 9.45 4.32
N GLY B 376 2.02 8.92 4.18
CA GLY B 376 2.53 7.91 5.11
C GLY B 376 3.91 8.34 5.51
N THR B 377 4.21 8.31 6.78
CA THR B 377 5.51 8.83 7.29
C THR B 377 6.01 7.97 8.44
N CYS B 378 7.34 7.90 8.58
CA CYS B 378 7.95 7.27 9.75
C CYS B 378 9.30 7.92 10.00
N GLY B 379 9.52 8.40 11.21
CA GLY B 379 10.82 8.93 11.63
C GLY B 379 10.99 10.38 11.29
N LEU B 380 12.23 10.85 11.21
CA LEU B 380 12.52 12.29 11.28
C LEU B 380 12.32 12.97 9.93
N ILE B 381 11.80 14.19 9.93
CA ILE B 381 11.91 15.09 8.77
C ILE B 381 13.33 15.68 8.74
N GLU B 382 13.77 16.05 7.56
CA GLU B 382 15.19 16.40 7.30
C GLU B 382 15.63 17.60 8.16
N GLU B 383 14.77 18.59 8.38
CA GLU B 383 15.10 19.82 9.18
C GLU B 383 15.45 19.37 10.60
N VAL B 384 14.71 18.41 11.15
CA VAL B 384 14.97 17.86 12.50
C VAL B 384 16.27 17.05 12.45
N ALA B 385 16.42 16.18 11.45
CA ALA B 385 17.62 15.31 11.37
C ALA B 385 18.87 16.20 11.30
N ALA B 386 18.80 17.27 10.52
CA ALA B 386 19.93 18.17 10.18
C ALA B 386 20.48 18.84 11.45
N LYS B 387 19.66 19.01 12.47
CA LYS B 387 20.07 19.60 13.78
C LYS B 387 20.70 18.53 14.68
N GLU B 388 20.40 17.25 14.48
CA GLU B 388 20.87 16.14 15.38
C GLU B 388 22.08 15.42 14.79
N PHE B 389 22.39 15.61 13.50
CA PHE B 389 23.44 14.83 12.79
C PHE B 389 24.24 15.79 11.90
N GLU B 390 25.56 15.59 11.90
CA GLU B 390 26.52 16.43 11.16
C GLU B 390 26.19 16.41 9.67
N LYS B 391 26.00 15.19 9.13
CA LYS B 391 25.79 14.97 7.67
C LYS B 391 24.48 14.21 7.49
N VAL B 392 23.56 14.81 6.76
CA VAL B 392 22.24 14.21 6.45
C VAL B 392 22.08 14.16 4.93
N ALA B 393 21.66 13.01 4.39
CA ALA B 393 21.39 12.86 2.95
C ALA B 393 19.86 12.80 2.77
N VAL B 394 19.38 13.39 1.70
CA VAL B 394 17.96 13.25 1.23
C VAL B 394 17.94 12.58 -0.14
N TYR B 395 17.23 11.45 -0.21
CA TYR B 395 16.92 10.69 -1.43
C TYR B 395 15.47 11.04 -1.76
N MET B 396 15.21 11.63 -2.92
CA MET B 396 13.85 12.10 -3.24
C MET B 396 13.50 11.67 -4.65
N SER B 397 12.28 11.17 -4.80
CA SER B 397 11.68 10.82 -6.11
C SER B 397 10.29 11.44 -6.12
N SER B 398 9.98 12.23 -7.13
CA SER B 398 8.68 12.94 -7.20
C SER B 398 8.27 13.00 -8.66
N PHE B 399 7.11 12.46 -8.99
CA PHE B 399 6.65 12.35 -10.39
C PHE B 399 5.16 11.99 -10.34
N THR B 400 4.37 12.54 -11.26
CA THR B 400 3.01 12.02 -11.56
C THR B 400 3.13 10.58 -12.06
N PRO B 401 2.60 9.56 -11.34
CA PRO B 401 2.61 8.20 -11.82
C PRO B 401 1.80 8.10 -13.13
N LEU B 402 2.15 7.12 -13.92
CA LEU B 402 1.58 6.91 -15.27
C LEU B 402 0.05 6.75 -15.20
N MET B 403 -0.48 5.92 -14.27
CA MET B 403 -1.97 5.72 -14.17
C MET B 403 -2.62 7.10 -14.10
N HIS B 404 -1.95 8.11 -13.55
CA HIS B 404 -2.58 9.46 -13.34
C HIS B 404 -2.38 10.45 -14.49
N ASN B 405 -1.47 10.18 -15.40
CA ASN B 405 -1.47 10.84 -16.73
C ASN B 405 -2.76 10.40 -17.42
N ILE B 406 -3.01 9.08 -17.51
CA ILE B 406 -4.23 8.51 -18.20
C ILE B 406 -5.51 8.92 -17.47
N SER B 407 -5.52 8.90 -16.14
CA SER B 407 -6.75 9.18 -15.33
C SER B 407 -7.22 10.62 -15.54
N GLY B 408 -6.30 11.52 -15.87
CA GLY B 408 -6.58 12.97 -15.99
C GLY B 408 -6.21 13.73 -14.72
N SER B 409 -5.82 13.04 -13.65
CA SER B 409 -5.35 13.68 -12.39
C SER B 409 -3.83 13.88 -12.46
N LYS B 410 -3.37 14.71 -13.40
CA LYS B 410 -1.93 14.89 -13.69
C LYS B 410 -1.26 15.56 -12.48
N TYR B 411 -2.00 16.31 -11.69
CA TYR B 411 -1.53 16.99 -10.45
C TYR B 411 -1.08 15.97 -9.38
N LYS B 412 -1.45 14.69 -9.49
CA LYS B 412 -1.24 13.72 -8.39
C LYS B 412 0.20 13.20 -8.45
N LYS B 413 1.15 14.01 -8.04
CA LYS B 413 2.56 13.57 -7.94
C LYS B 413 2.69 12.65 -6.74
N PHE B 414 3.36 11.51 -6.91
CA PHE B 414 3.78 10.64 -5.78
C PHE B 414 5.12 11.17 -5.30
N VAL B 415 5.23 11.43 -4.00
CA VAL B 415 6.52 11.84 -3.43
C VAL B 415 7.03 10.72 -2.55
N ALA B 416 8.28 10.32 -2.72
CA ALA B 416 8.95 9.34 -1.84
C ALA B 416 10.27 9.96 -1.43
N LYS B 417 10.49 10.12 -0.13
CA LYS B 417 11.74 10.72 0.40
C LYS B 417 12.30 9.87 1.51
N ILE B 418 13.62 9.63 1.44
CA ILE B 418 14.36 8.91 2.52
C ILE B 418 15.40 9.89 3.05
N VAL B 419 15.40 10.08 4.36
CA VAL B 419 16.40 10.91 5.08
C VAL B 419 17.38 9.98 5.76
N THR B 420 18.70 10.21 5.56
CA THR B 420 19.68 9.32 6.25
C THR B 420 20.67 10.12 7.07
N ASN B 421 21.24 9.43 8.05
CA ASN B 421 22.58 9.75 8.62
C ASN B 421 23.62 9.36 7.55
N HIS B 422 24.15 10.35 6.80
CA HIS B 422 25.06 10.10 5.66
C HIS B 422 26.39 9.52 6.15
N SER B 423 26.71 9.61 7.44
CA SER B 423 27.95 9.04 8.03
C SER B 423 27.90 7.53 7.97
N ASP B 424 26.76 6.89 8.19
CA ASP B 424 26.68 5.41 8.18
C ASP B 424 25.55 4.91 7.29
N GLY B 425 24.75 5.80 6.69
CA GLY B 425 23.64 5.39 5.81
C GLY B 425 22.36 5.04 6.55
N THR B 426 22.34 5.11 7.88
CA THR B 426 21.15 4.77 8.71
C THR B 426 19.96 5.63 8.25
N VAL B 427 18.85 4.96 7.95
CA VAL B 427 17.60 5.70 7.57
C VAL B 427 16.99 6.32 8.84
N LEU B 428 16.83 7.63 8.82
CA LEU B 428 16.29 8.42 9.95
C LEU B 428 14.80 8.66 9.74
N GLY B 429 14.37 8.77 8.48
CA GLY B 429 12.97 9.01 8.17
C GLY B 429 12.61 8.65 6.74
N VAL B 430 11.34 8.31 6.54
CA VAL B 430 10.77 7.98 5.22
C VAL B 430 9.42 8.71 5.13
N HIS B 431 9.20 9.45 4.07
CA HIS B 431 8.02 10.35 3.93
C HIS B 431 7.43 10.09 2.54
N LEU B 432 6.15 9.73 2.51
CA LEU B 432 5.44 9.35 1.28
C LEU B 432 4.18 10.20 1.12
N LEU B 433 3.89 10.57 -0.12
CA LEU B 433 2.62 11.21 -0.51
C LEU B 433 2.15 10.52 -1.79
N GLY B 434 0.95 9.96 -1.72
CA GLY B 434 0.31 9.36 -2.88
C GLY B 434 -0.52 8.17 -2.49
N ASP B 435 -1.32 7.70 -3.44
CA ASP B 435 -2.26 6.60 -3.17
C ASP B 435 -1.40 5.46 -2.64
N GLY B 436 -1.82 4.84 -1.55
CA GLY B 436 -1.12 3.69 -0.97
C GLY B 436 -0.14 4.04 0.14
N ALA B 437 0.27 5.28 0.27
CA ALA B 437 1.31 5.69 1.22
C ALA B 437 1.06 5.12 2.63
N PRO B 438 -0.14 5.16 3.24
CA PRO B 438 -0.29 4.64 4.60
C PRO B 438 -0.04 3.13 4.70
N GLU B 439 -0.35 2.40 3.65
CA GLU B 439 -0.13 0.92 3.54
C GLU B 439 1.36 0.66 3.32
N ILE B 440 2.05 1.48 2.53
CA ILE B 440 3.48 1.26 2.19
C ILE B 440 4.30 1.46 3.46
N ILE B 441 3.94 2.45 4.25
CA ILE B 441 4.83 2.93 5.35
C ILE B 441 4.84 1.94 6.52
N GLN B 442 3.85 1.05 6.65
CA GLN B 442 3.77 0.15 7.85
C GLN B 442 5.07 -0.66 7.97
N ALA B 443 5.47 -1.35 6.90
CA ALA B 443 6.64 -2.26 6.98
C ALA B 443 7.92 -1.43 7.02
N VAL B 444 7.87 -0.16 6.61
CA VAL B 444 9.01 0.77 6.78
C VAL B 444 9.24 1.00 8.27
N GLY B 445 8.17 1.06 9.04
CA GLY B 445 8.24 1.08 10.50
C GLY B 445 9.13 -0.05 11.02
N VAL B 446 8.95 -1.24 10.49
CA VAL B 446 9.74 -2.43 10.93
C VAL B 446 11.19 -2.25 10.48
N CYS B 447 11.39 -1.67 9.30
CA CYS B 447 12.76 -1.42 8.76
C CYS B 447 13.53 -0.52 9.71
N LEU B 448 12.91 0.58 10.16
CA LEU B 448 13.56 1.58 11.03
C LEU B 448 13.81 0.97 12.42
N ARG B 449 12.95 0.08 12.90
CA ARG B 449 13.23 -0.66 14.16
C ARG B 449 14.50 -1.51 14.00
N LEU B 450 14.79 -2.00 12.78
CA LEU B 450 15.94 -2.90 12.47
C LEU B 450 17.15 -2.08 12.02
N ASN B 451 17.12 -0.77 12.22
CA ASN B 451 18.23 0.17 11.90
C ASN B 451 18.63 -0.01 10.43
N ALA B 452 17.65 -0.18 9.53
CA ALA B 452 17.89 -0.26 8.07
C ALA B 452 18.72 0.96 7.61
N LYS B 453 19.63 0.69 6.68
CA LYS B 453 20.44 1.71 5.98
C LYS B 453 19.85 1.89 4.58
N ILE B 454 20.14 3.01 3.92
CA ILE B 454 19.74 3.21 2.51
C ILE B 454 20.16 2.01 1.64
N SER B 455 21.34 1.42 1.86
CA SER B 455 21.80 0.26 1.06
C SER B 455 20.83 -0.93 1.23
N ASP B 456 20.23 -1.09 2.40
CA ASP B 456 19.26 -2.19 2.63
C ASP B 456 18.01 -1.95 1.77
N PHE B 457 17.61 -0.70 1.61
CA PHE B 457 16.48 -0.37 0.69
C PHE B 457 16.88 -0.62 -0.77
N TYR B 458 18.03 -0.07 -1.22
N TYR B 458 18.00 -0.03 -1.22
CA TYR B 458 18.33 -0.04 -2.67
CA TYR B 458 18.39 -0.04 -2.65
C TYR B 458 18.87 -1.40 -3.14
C TYR B 458 18.67 -1.48 -3.09
N ASN B 459 19.28 -2.29 -2.22
CA ASN B 459 19.68 -3.68 -2.59
C ASN B 459 18.51 -4.66 -2.51
N THR B 460 17.38 -4.23 -1.98
CA THR B 460 16.13 -4.99 -2.05
C THR B 460 15.58 -4.91 -3.48
N ILE B 461 15.16 -6.03 -4.00
CA ILE B 461 14.53 -6.12 -5.33
C ILE B 461 13.11 -5.50 -5.26
N GLY B 462 12.85 -4.57 -6.17
CA GLY B 462 11.54 -3.93 -6.32
C GLY B 462 10.44 -4.93 -6.63
N VAL B 463 9.22 -4.53 -6.28
CA VAL B 463 7.95 -5.11 -6.79
C VAL B 463 7.43 -4.14 -7.82
N HIS B 464 7.20 -4.61 -9.03
CA HIS B 464 6.90 -3.71 -10.17
C HIS B 464 5.66 -4.21 -10.86
N PRO B 465 4.73 -3.31 -11.26
CA PRO B 465 4.82 -1.87 -10.98
C PRO B 465 4.11 -1.50 -9.69
N THR B 466 4.81 -0.75 -8.84
CA THR B 466 4.25 -0.18 -7.60
C THR B 466 4.80 1.24 -7.41
N SER B 467 4.10 2.01 -6.62
CA SER B 467 4.69 3.26 -6.09
C SER B 467 5.77 2.89 -5.07
N ALA B 468 5.57 1.84 -4.26
CA ALA B 468 6.49 1.48 -3.16
C ALA B 468 7.91 1.23 -3.72
N GLU B 469 8.03 0.67 -4.92
CA GLU B 469 9.37 0.28 -5.45
C GLU B 469 10.27 1.51 -5.55
N GLU B 470 9.72 2.73 -5.57
CA GLU B 470 10.58 3.95 -5.60
C GLU B 470 11.53 3.94 -4.40
N LEU B 471 11.12 3.35 -3.29
CA LEU B 471 11.91 3.38 -2.04
C LEU B 471 13.17 2.54 -2.23
N CYS B 472 13.16 1.63 -3.19
CA CYS B 472 14.21 0.60 -3.37
C CYS B 472 15.00 0.92 -4.66
N SER B 473 14.78 2.09 -5.24
CA SER B 473 15.34 2.53 -6.54
C SER B 473 16.22 3.77 -6.40
N MET B 474 16.47 4.27 -5.19
CA MET B 474 17.26 5.51 -4.94
C MET B 474 18.64 5.13 -4.40
N ARG B 475 19.64 5.32 -5.26
CA ARG B 475 21.08 4.94 -5.16
C ARG B 475 21.86 6.18 -4.67
N THR B 476 21.44 7.37 -5.10
CA THR B 476 22.20 8.65 -5.06
C THR B 476 21.42 9.75 -4.34
N PRO B 477 21.98 10.42 -3.31
CA PRO B 477 21.30 11.55 -2.68
C PRO B 477 20.87 12.65 -3.67
N SER B 478 19.73 13.30 -3.41
CA SER B 478 19.24 14.48 -4.17
C SER B 478 19.96 15.72 -3.68
N TYR B 479 20.18 15.82 -2.37
CA TYR B 479 20.89 16.94 -1.70
C TYR B 479 21.28 16.49 -0.29
N TYR B 480 21.98 17.36 0.42
CA TYR B 480 22.54 17.09 1.76
C TYR B 480 22.25 18.26 2.69
N TYR B 481 22.33 17.99 3.98
CA TYR B 481 22.60 18.98 5.05
C TYR B 481 23.95 18.62 5.68
N VAL B 482 24.82 19.63 5.73
CA VAL B 482 26.14 19.50 6.40
C VAL B 482 26.13 20.54 7.52
N LYS B 483 26.18 20.10 8.78
CA LYS B 483 26.14 20.97 10.00
C LYS B 483 24.92 21.91 9.94
N GLY B 484 23.74 21.39 9.57
CA GLY B 484 22.46 22.13 9.54
C GLY B 484 22.22 22.88 8.23
N GLU B 485 23.19 22.91 7.31
CA GLU B 485 23.09 23.73 6.08
C GLU B 485 22.80 22.86 4.86
N LYS B 486 21.79 23.23 4.08
CA LYS B 486 21.39 22.53 2.84
C LYS B 486 22.42 22.79 1.73
N MET B 487 22.93 21.70 1.13
CA MET B 487 23.90 21.72 0.00
C MET B 487 23.31 20.92 -1.16
N GLU B 488 23.25 21.57 -2.28
CA GLU B 488 22.98 20.87 -3.57
C GLU B 488 24.22 20.06 -3.97
#